data_1UW5
#
_entry.id   1UW5
#
_cell.length_a   83.262
_cell.length_b   93.173
_cell.length_c   161.732
_cell.angle_alpha   90.00
_cell.angle_beta   90.00
_cell.angle_gamma   90.00
#
_symmetry.space_group_name_H-M   'P 21 21 21'
#
loop_
_entity.id
_entity.type
_entity.pdbx_description
1 polymer 'PHOSPHATIDYLINOSITOL TRANSFER PROTEIN ALPHA ISOFORM'
2 non-polymer 1-palmitoyl-2-oleoyl-sn-glycero-3-phosphoinositol
#
_entity_poly.entity_id   1
_entity_poly.type   'polypeptide(L)'
_entity_poly.pdbx_seq_one_letter_code
;(MSE)VLLKEYRVILPVSVDEYQVGQLYSVAEASKNETGGGEGVEVLVNEPYEKDGEKGQYTHKIYHLQSKVPTFVR
(MSE)LAPEGALNIHEKAWNAYPYCRTVITNEY(MSE)KEDFLIKIETWHKPDLGTQENVHKLEPEAWKHVEAVYIDIAD
RSQVLSKDYKAEEDPAKFKSIKTGRGPLGPNWKQELVNQKDCPY(MSE)CAYKLVTVKFKWWGLQNKVENFIHKQERRLF
TNFHRQLFCWLDKWVDLT(MSE)DDIRR(MSE)EEETKRQLDE(MSE)RQKDPVKG(MSE)TADD
;
_entity_poly.pdbx_strand_id   A,B,C,D
#
loop_
_chem_comp.id
_chem_comp.type
_chem_comp.name
_chem_comp.formula
PIE non-polymer 1-palmitoyl-2-oleoyl-sn-glycero-3-phosphoinositol 'C43 H80 O13 P -1'
#
# COMPACT_ATOMS: atom_id res chain seq x y z
N MSE A 1 -13.96 -2.05 17.52
CA MSE A 1 -12.90 -2.18 16.47
C MSE A 1 -12.72 -0.86 15.64
O MSE A 1 -13.69 -0.13 15.38
CB MSE A 1 -13.12 -3.42 15.62
CG MSE A 1 -11.97 -3.81 14.70
SE MSE A 1 -12.69 -4.22 13.05
CE MSE A 1 -11.09 -3.99 11.83
N VAL A 2 -11.48 -0.59 15.23
CA VAL A 2 -10.98 0.74 14.95
C VAL A 2 -9.66 0.55 14.21
N LEU A 3 -9.35 1.39 13.25
CA LEU A 3 -8.13 1.18 12.47
C LEU A 3 -7.03 2.27 12.66
N LEU A 4 -5.81 1.87 13.01
CA LEU A 4 -4.77 2.80 13.46
C LEU A 4 -3.52 2.78 12.67
N LYS A 5 -3.12 3.93 12.16
CA LYS A 5 -1.90 3.99 11.42
C LYS A 5 -1.08 5.24 11.82
N GLU A 6 0.24 5.10 11.90
CA GLU A 6 1.07 6.23 12.19
C GLU A 6 1.86 6.66 10.99
N TYR A 7 1.61 7.88 10.56
CA TYR A 7 2.33 8.44 9.47
C TYR A 7 3.60 9.18 9.96
N ARG A 8 4.73 8.78 9.42
CA ARG A 8 5.98 9.39 9.81
C ARG A 8 6.50 10.30 8.76
N VAL A 9 6.35 11.60 8.95
CA VAL A 9 6.90 12.52 7.96
C VAL A 9 8.20 13.15 8.41
N ILE A 10 9.25 12.78 7.71
CA ILE A 10 10.54 13.34 7.92
C ILE A 10 10.59 14.68 7.15
N LEU A 11 11.06 15.75 7.77
CA LEU A 11 11.26 16.95 7.00
C LEU A 11 12.62 17.59 7.21
N PRO A 12 13.07 18.29 6.18
CA PRO A 12 14.36 18.98 6.21
C PRO A 12 14.20 20.39 6.84
N VAL A 13 13.40 20.47 7.89
CA VAL A 13 13.23 21.71 8.64
C VAL A 13 13.24 21.43 10.14
N SER A 14 13.49 22.46 10.92
CA SER A 14 13.58 22.36 12.36
C SER A 14 12.20 22.27 13.01
N VAL A 15 12.09 21.52 14.12
CA VAL A 15 10.91 21.56 14.97
C VAL A 15 10.37 22.98 15.22
N ASP A 16 11.18 24.01 15.07
CA ASP A 16 10.71 25.38 15.40
C ASP A 16 10.23 26.23 14.26
N GLU A 17 10.80 26.02 13.10
CA GLU A 17 10.26 26.64 11.91
C GLU A 17 8.96 25.91 11.62
N TYR A 18 8.95 24.55 11.78
CA TYR A 18 7.75 23.77 11.47
C TYR A 18 6.56 24.37 12.15
N GLN A 19 6.70 24.81 13.41
CA GLN A 19 5.56 25.36 14.13
C GLN A 19 4.83 26.44 13.33
N VAL A 20 5.62 27.29 12.67
CA VAL A 20 5.12 28.39 11.86
C VAL A 20 4.70 27.92 10.46
N GLY A 21 5.61 27.21 9.80
CA GLY A 21 5.31 26.57 8.53
C GLY A 21 3.93 25.94 8.50
N GLN A 22 3.70 25.01 9.42
CA GLN A 22 2.43 24.30 9.46
C GLN A 22 1.28 25.27 9.47
N LEU A 23 1.39 26.26 10.33
CA LEU A 23 0.27 27.11 10.66
C LEU A 23 -0.15 27.95 9.48
N TYR A 24 0.86 28.32 8.72
CA TYR A 24 0.71 29.10 7.52
C TYR A 24 0.10 28.19 6.45
N SER A 25 0.59 26.99 6.39
CA SER A 25 0.25 26.08 5.34
C SER A 25 -1.17 25.59 5.56
N VAL A 26 -1.59 25.42 6.80
CA VAL A 26 -2.97 25.01 7.00
C VAL A 26 -3.89 26.02 6.32
N ALA A 27 -3.53 27.29 6.38
CA ALA A 27 -4.39 28.33 5.86
C ALA A 27 -4.26 28.34 4.36
N GLU A 28 -3.06 28.32 3.80
CA GLU A 28 -2.97 28.30 2.36
C GLU A 28 -3.81 27.11 1.84
N ALA A 29 -3.50 25.92 2.34
CA ALA A 29 -4.19 24.73 1.91
C ALA A 29 -5.67 24.90 2.07
N SER A 30 -6.11 25.41 3.21
CA SER A 30 -7.54 25.57 3.41
C SER A 30 -8.16 26.29 2.23
N LYS A 31 -7.48 27.36 1.82
CA LYS A 31 -7.94 28.20 0.75
C LYS A 31 -7.89 27.43 -0.58
N ASN A 32 -6.93 26.57 -0.78
CA ASN A 32 -6.96 25.87 -2.04
C ASN A 32 -8.01 24.80 -2.18
N GLU A 33 -8.79 24.54 -1.16
CA GLU A 33 -9.78 23.46 -1.25
C GLU A 33 -11.15 24.07 -1.07
N THR A 34 -11.20 25.34 -0.73
CA THR A 34 -12.48 25.99 -0.52
C THR A 34 -13.02 26.66 -1.81
N GLY A 35 -14.32 26.50 -2.03
CA GLY A 35 -15.01 26.96 -3.21
C GLY A 35 -16.09 25.96 -3.58
N GLY A 36 -17.02 26.45 -4.38
CA GLY A 36 -18.13 25.66 -4.88
C GLY A 36 -19.05 25.27 -3.76
N GLY A 37 -18.97 25.96 -2.60
CA GLY A 37 -19.69 25.55 -1.40
C GLY A 37 -19.05 24.39 -0.60
N GLU A 38 -17.83 24.02 -0.98
CA GLU A 38 -17.07 22.94 -0.34
C GLU A 38 -15.86 23.50 0.33
N GLY A 39 -15.26 22.74 1.25
CA GLY A 39 -14.03 23.17 1.90
C GLY A 39 -14.10 23.55 3.38
N VAL A 40 -13.28 24.55 3.71
CA VAL A 40 -13.11 24.90 5.11
C VAL A 40 -13.86 26.15 5.55
N GLU A 41 -14.56 25.99 6.67
CA GLU A 41 -15.15 27.06 7.42
C GLU A 41 -14.60 27.08 8.83
N VAL A 42 -13.94 28.15 9.22
CA VAL A 42 -13.43 28.27 10.57
C VAL A 42 -14.54 28.84 11.42
N LEU A 43 -14.81 28.25 12.58
CA LEU A 43 -15.73 28.85 13.56
C LEU A 43 -14.99 29.47 14.78
N VAL A 44 -14.02 28.73 15.33
CA VAL A 44 -13.26 29.15 16.52
C VAL A 44 -11.76 28.99 16.31
N ASN A 45 -11.00 30.06 16.53
CA ASN A 45 -9.55 29.98 16.68
C ASN A 45 -9.05 30.84 17.85
N GLU A 46 -8.75 30.21 19.01
CA GLU A 46 -8.27 30.95 20.21
C GLU A 46 -7.37 30.21 21.21
N PRO A 47 -6.63 30.94 22.04
CA PRO A 47 -5.78 30.24 23.01
C PRO A 47 -6.67 29.56 24.03
N TYR A 48 -6.15 28.48 24.59
CA TYR A 48 -6.89 27.81 25.64
C TYR A 48 -6.03 27.53 26.87
N GLU A 49 -6.75 27.33 28.00
CA GLU A 49 -6.17 26.90 29.30
C GLU A 49 -6.84 25.63 29.95
N LYS A 50 -6.26 24.44 29.69
CA LYS A 50 -6.66 23.18 30.36
C LYS A 50 -6.17 23.19 31.83
N ASP A 51 -5.11 23.97 32.08
CA ASP A 51 -4.69 24.48 33.41
C ASP A 51 -3.16 24.42 33.41
N GLY A 52 -2.65 23.22 33.10
CA GLY A 52 -1.22 22.95 33.00
C GLY A 52 -0.67 22.96 31.57
N GLU A 53 -1.58 22.78 30.63
CA GLU A 53 -1.24 22.69 29.23
C GLU A 53 -1.79 23.95 28.64
N LYS A 54 -0.93 24.62 27.85
CA LYS A 54 -1.28 25.87 27.18
C LYS A 54 -1.10 25.69 25.67
N GLY A 55 -1.99 26.27 24.89
CA GLY A 55 -1.89 26.21 23.44
C GLY A 55 -3.12 26.77 22.78
N GLN A 56 -3.27 26.48 21.47
CA GLN A 56 -4.28 27.09 20.61
C GLN A 56 -5.43 26.18 20.20
N TYR A 57 -6.68 26.63 20.25
CA TYR A 57 -7.79 25.73 19.88
C TYR A 57 -8.63 26.24 18.73
N THR A 58 -8.99 25.30 17.88
CA THR A 58 -9.77 25.58 16.70
C THR A 58 -10.97 24.64 16.63
N HIS A 59 -12.03 25.14 16.03
CA HIS A 59 -13.20 24.37 15.68
C HIS A 59 -13.53 24.79 14.29
N LYS A 60 -13.42 23.84 13.34
CA LYS A 60 -13.66 24.08 11.91
C LYS A 60 -14.75 23.16 11.42
N ILE A 61 -15.29 23.45 10.24
CA ILE A 61 -16.20 22.53 9.59
C ILE A 61 -15.67 22.27 8.21
N TYR A 62 -15.54 20.99 7.85
CA TYR A 62 -15.20 20.61 6.47
C TYR A 62 -16.46 20.25 5.72
N HIS A 63 -16.62 20.88 4.56
CA HIS A 63 -17.84 20.78 3.77
C HIS A 63 -17.58 19.93 2.54
N LEU A 64 -18.32 18.87 2.40
CA LEU A 64 -18.00 17.94 1.31
C LEU A 64 -19.23 17.45 0.54
N GLN A 65 -19.08 17.51 -0.77
CA GLN A 65 -20.10 17.19 -1.72
C GLN A 65 -19.30 16.40 -2.72
N SER A 66 -18.78 17.12 -3.69
CA SER A 66 -18.34 16.47 -4.89
C SER A 66 -16.95 16.05 -4.80
N LYS A 67 -16.23 16.51 -3.80
CA LYS A 67 -14.82 16.17 -3.73
C LYS A 67 -14.64 14.80 -3.13
N VAL A 68 -15.72 14.09 -2.82
CA VAL A 68 -15.65 12.74 -2.29
C VAL A 68 -16.38 11.75 -3.20
N PRO A 69 -16.03 10.48 -3.15
CA PRO A 69 -16.58 9.54 -4.09
C PRO A 69 -18.05 9.33 -3.91
N THR A 70 -18.73 9.00 -5.00
CA THR A 70 -20.13 8.56 -4.99
C THR A 70 -20.52 7.79 -3.75
N PHE A 71 -19.78 6.75 -3.45
CA PHE A 71 -20.21 5.91 -2.34
C PHE A 71 -20.12 6.58 -0.99
N VAL A 72 -19.38 7.67 -0.84
CA VAL A 72 -19.43 8.41 0.42
C VAL A 72 -20.60 9.35 0.34
N ARG A 73 -20.61 10.13 -0.72
CA ARG A 73 -21.66 11.08 -0.96
C ARG A 73 -23.04 10.49 -0.61
N MSE A 74 -23.24 9.24 -1.03
CA MSE A 74 -24.49 8.51 -0.82
C MSE A 74 -24.88 8.09 0.60
O MSE A 74 -25.97 7.50 0.80
CB MSE A 74 -24.46 7.28 -1.69
CG MSE A 74 -24.71 7.69 -3.14
SE MSE A 74 -24.69 6.17 -4.39
CE MSE A 74 -23.98 4.52 -3.20
N LEU A 75 -24.00 8.38 1.56
CA LEU A 75 -24.22 8.09 2.98
C LEU A 75 -25.29 9.01 3.51
N ALA A 76 -25.59 10.06 2.75
CA ALA A 76 -26.50 11.07 3.17
C ALA A 76 -27.42 11.38 2.01
N PRO A 77 -28.71 11.52 2.28
CA PRO A 77 -29.71 11.78 1.24
C PRO A 77 -29.45 13.11 0.56
N GLU A 78 -29.00 14.12 1.32
CA GLU A 78 -28.78 15.44 0.69
C GLU A 78 -27.56 15.38 -0.22
N GLY A 79 -26.84 14.25 -0.15
CA GLY A 79 -25.67 13.99 -0.96
C GLY A 79 -24.48 14.82 -0.57
N ALA A 80 -24.44 15.19 0.71
CA ALA A 80 -23.53 16.20 1.22
C ALA A 80 -23.30 16.01 2.69
N LEU A 81 -22.08 16.39 3.08
CA LEU A 81 -21.51 16.00 4.34
C LEU A 81 -20.87 17.20 4.97
N ASN A 82 -21.06 17.36 6.28
CA ASN A 82 -20.28 18.30 7.11
C ASN A 82 -19.58 17.48 8.16
N ILE A 83 -18.28 17.62 8.29
CA ILE A 83 -17.65 16.94 9.38
C ILE A 83 -17.01 17.99 10.27
N HIS A 84 -17.14 17.86 11.59
CA HIS A 84 -16.63 18.88 12.52
C HIS A 84 -15.22 18.54 13.00
N GLU A 85 -14.30 19.50 13.01
CA GLU A 85 -12.96 19.22 13.47
C GLU A 85 -12.55 20.12 14.60
N LYS A 86 -12.39 19.54 15.79
CA LYS A 86 -11.95 20.29 16.96
C LYS A 86 -10.50 19.93 17.22
N ALA A 87 -9.64 20.92 17.32
CA ALA A 87 -8.24 20.65 17.54
C ALA A 87 -7.61 21.45 18.68
N TRP A 88 -6.74 20.77 19.43
CA TRP A 88 -5.98 21.35 20.51
C TRP A 88 -4.57 21.38 20.11
N ASN A 89 -4.11 22.51 19.65
CA ASN A 89 -2.75 22.56 19.25
C ASN A 89 -1.81 23.03 20.33
N ALA A 90 -1.13 22.10 20.99
CA ALA A 90 -0.17 22.47 22.02
C ALA A 90 1.21 22.19 21.48
N TYR A 91 1.55 22.79 20.35
CA TYR A 91 2.82 22.46 19.71
C TYR A 91 3.96 22.40 20.74
N PRO A 92 4.84 21.37 20.75
CA PRO A 92 4.98 20.35 19.71
C PRO A 92 4.04 19.14 19.69
N TYR A 93 2.93 19.21 20.39
CA TYR A 93 2.01 18.11 20.37
C TYR A 93 0.64 18.59 19.96
N CYS A 94 -0.04 17.82 19.15
CA CYS A 94 -1.35 18.25 18.70
C CYS A 94 -2.32 17.09 18.79
N ARG A 95 -3.55 17.39 19.14
CA ARG A 95 -4.59 16.40 19.16
C ARG A 95 -5.78 16.96 18.44
N THR A 96 -6.21 16.26 17.39
CA THR A 96 -7.27 16.67 16.46
C THR A 96 -8.34 15.56 16.37
N VAL A 97 -9.60 15.96 16.54
CA VAL A 97 -10.73 15.03 16.57
C VAL A 97 -11.85 15.40 15.60
N ILE A 98 -12.11 14.58 14.59
CA ILE A 98 -13.13 14.87 13.58
C ILE A 98 -14.34 13.97 13.81
N THR A 99 -15.50 14.59 13.92
CA THR A 99 -16.70 13.86 14.29
C THR A 99 -17.83 14.24 13.36
N ASN A 100 -18.90 13.49 13.41
CA ASN A 100 -20.07 13.84 12.66
C ASN A 100 -21.36 13.73 13.49
N GLU A 101 -22.03 14.89 13.70
CA GLU A 101 -23.26 15.01 14.53
C GLU A 101 -24.17 13.87 14.15
N TYR A 102 -24.34 13.65 12.85
CA TYR A 102 -25.35 12.72 12.46
C TYR A 102 -25.07 11.24 12.82
N MSE A 103 -24.06 10.92 13.63
CA MSE A 103 -23.45 9.54 13.71
C MSE A 103 -22.94 9.10 15.12
O MSE A 103 -22.35 8.00 15.30
CB MSE A 103 -22.29 9.34 12.70
CG MSE A 103 -22.68 9.08 11.26
SE MSE A 103 -21.91 7.42 10.57
CE MSE A 103 -20.31 8.11 9.66
N LYS A 104 -23.17 9.97 16.10
CA LYS A 104 -22.85 9.66 17.50
C LYS A 104 -21.36 9.37 17.55
N GLU A 105 -21.04 8.16 17.94
CA GLU A 105 -19.65 7.86 18.18
C GLU A 105 -19.35 6.66 17.37
N ASP A 106 -20.04 6.46 16.27
CA ASP A 106 -19.64 5.41 15.36
C ASP A 106 -18.65 5.94 14.35
N PHE A 107 -18.39 7.24 14.35
CA PHE A 107 -17.46 7.79 13.38
C PHE A 107 -16.40 8.68 14.06
N LEU A 108 -15.14 8.46 13.71
CA LEU A 108 -14.11 9.27 14.30
C LEU A 108 -12.87 9.25 13.43
N ILE A 109 -12.32 10.42 13.13
CA ILE A 109 -10.98 10.48 12.62
C ILE A 109 -10.28 11.32 13.63
N LYS A 110 -9.23 10.76 14.23
CA LYS A 110 -8.47 11.46 15.22
C LYS A 110 -7.02 11.39 14.81
N ILE A 111 -6.37 12.56 14.87
CA ILE A 111 -4.96 12.65 14.54
C ILE A 111 -4.23 13.13 15.79
N GLU A 112 -3.21 12.39 16.22
CA GLU A 112 -2.40 12.78 17.36
C GLU A 112 -0.98 12.90 16.85
N THR A 113 -0.37 14.07 16.98
CA THR A 113 0.96 14.30 16.42
C THR A 113 1.94 14.80 17.44
N TRP A 114 3.15 14.29 17.35
CA TRP A 114 4.27 14.67 18.15
C TRP A 114 5.27 15.11 17.14
N HIS A 115 5.76 16.34 17.25
CA HIS A 115 6.84 16.77 16.41
C HIS A 115 8.17 16.67 17.15
N LYS A 116 9.11 15.89 16.63
CA LYS A 116 10.35 15.64 17.33
C LYS A 116 11.59 15.86 16.47
N PRO A 117 12.69 16.33 17.09
CA PRO A 117 13.94 16.64 16.35
C PRO A 117 14.74 15.45 15.96
N ASP A 118 14.14 14.39 15.38
CA ASP A 118 14.91 13.21 14.91
C ASP A 118 14.48 12.72 13.50
N LEU A 119 14.80 11.49 13.14
CA LEU A 119 14.46 10.97 11.81
C LEU A 119 13.57 9.79 11.90
N GLY A 120 12.49 9.99 12.64
CA GLY A 120 11.49 8.95 12.73
C GLY A 120 11.89 7.63 13.36
N THR A 121 13.02 7.58 14.04
CA THR A 121 13.48 6.35 14.66
C THR A 121 12.77 5.93 15.95
N GLN A 122 11.78 6.66 16.42
CA GLN A 122 11.18 6.30 17.70
C GLN A 122 9.97 5.43 17.55
N GLU A 123 10.06 4.17 17.89
CA GLU A 123 8.84 3.36 17.87
C GLU A 123 7.98 3.81 19.06
N ASN A 124 6.67 3.90 18.85
CA ASN A 124 5.70 4.19 19.91
C ASN A 124 5.90 5.47 20.74
N VAL A 125 6.34 6.55 20.11
CA VAL A 125 6.40 7.86 20.75
C VAL A 125 5.15 8.27 21.47
N HIS A 126 4.00 7.74 21.10
CA HIS A 126 2.73 8.13 21.68
C HIS A 126 2.37 7.29 22.86
N LYS A 127 3.27 6.39 23.23
CA LYS A 127 3.17 5.64 24.48
C LYS A 127 1.88 4.83 24.57
N LEU A 128 1.46 4.26 23.45
CA LEU A 128 0.26 3.45 23.44
C LEU A 128 0.49 2.15 24.24
N GLU A 129 -0.57 1.62 24.82
CA GLU A 129 -0.47 0.32 25.49
C GLU A 129 -0.04 -0.77 24.47
N PRO A 130 0.74 -1.74 24.92
CA PRO A 130 1.39 -2.72 24.01
C PRO A 130 0.49 -3.56 23.12
N GLU A 131 -0.71 -3.94 23.52
CA GLU A 131 -1.54 -4.79 22.65
C GLU A 131 -1.93 -3.98 21.43
N ALA A 132 -2.44 -2.77 21.71
CA ALA A 132 -2.88 -1.81 20.71
C ALA A 132 -1.74 -1.44 19.80
N TRP A 133 -0.59 -1.11 20.40
CA TRP A 133 0.58 -0.82 19.58
C TRP A 133 0.87 -1.92 18.54
N LYS A 134 0.63 -3.16 18.93
CA LYS A 134 0.77 -4.32 18.05
C LYS A 134 -0.02 -4.21 16.72
N HIS A 135 -1.07 -3.40 16.73
CA HIS A 135 -1.92 -3.26 15.55
C HIS A 135 -1.71 -1.96 14.74
N VAL A 136 -0.57 -1.32 14.91
CA VAL A 136 -0.42 -0.03 14.31
C VAL A 136 0.50 -0.19 13.13
N GLU A 137 0.05 0.23 11.95
CA GLU A 137 0.94 0.19 10.83
C GLU A 137 1.67 1.48 10.79
N ALA A 138 2.99 1.42 10.75
CA ALA A 138 3.81 2.60 10.61
C ALA A 138 4.17 2.84 9.17
N VAL A 139 3.76 3.98 8.67
CA VAL A 139 3.95 4.36 7.29
C VAL A 139 4.86 5.57 7.14
N TYR A 140 5.92 5.44 6.35
CA TYR A 140 6.81 6.57 6.07
C TYR A 140 6.40 7.36 4.85
N ILE A 141 6.20 8.65 5.00
CA ILE A 141 5.90 9.49 3.85
C ILE A 141 7.12 10.22 3.41
N ASP A 142 7.56 9.98 2.18
CA ASP A 142 8.78 10.61 1.67
C ASP A 142 8.37 11.76 0.72
N ILE A 143 8.66 13.01 1.11
CA ILE A 143 8.21 14.14 0.33
C ILE A 143 8.94 14.37 -1.01
N ALA A 144 9.96 13.57 -1.27
CA ALA A 144 10.73 13.72 -2.48
C ALA A 144 10.25 12.76 -3.51
N ASP A 145 9.90 11.56 -3.07
CA ASP A 145 9.59 10.44 -3.96
C ASP A 145 8.31 10.73 -4.72
N ARG A 146 8.44 10.84 -6.03
CA ARG A 146 7.31 11.28 -6.84
C ARG A 146 6.34 10.12 -7.05
N SER A 147 6.84 8.91 -6.91
CA SER A 147 5.98 7.74 -6.97
C SER A 147 4.91 7.84 -5.91
N GLN A 148 5.09 8.68 -4.88
CA GLN A 148 4.16 8.69 -3.73
C GLN A 148 3.02 9.70 -3.92
N VAL A 149 3.08 10.47 -5.00
CA VAL A 149 2.02 11.42 -5.31
C VAL A 149 1.02 10.74 -6.24
N LEU A 150 -0.27 11.05 -6.09
CA LEU A 150 -1.21 10.65 -7.14
C LEU A 150 -0.99 11.49 -8.37
N SER A 151 -0.97 10.85 -9.53
CA SER A 151 -0.79 11.56 -10.78
C SER A 151 -1.66 12.81 -10.89
N LYS A 152 -2.99 12.67 -10.68
CA LYS A 152 -3.95 13.76 -10.73
C LYS A 152 -3.43 15.02 -9.93
N ASP A 153 -2.71 14.76 -8.84
CA ASP A 153 -2.26 15.75 -7.87
C ASP A 153 -0.93 16.38 -8.21
N TYR A 154 -0.14 15.76 -9.06
CA TYR A 154 1.20 16.27 -9.30
C TYR A 154 1.22 17.72 -9.82
N LYS A 155 2.17 18.53 -9.34
CA LYS A 155 2.49 19.82 -9.95
C LYS A 155 3.96 20.13 -9.76
N ALA A 156 4.64 20.47 -10.85
CA ALA A 156 6.06 20.73 -10.80
C ALA A 156 6.44 21.85 -9.77
N GLU A 157 5.56 22.83 -9.61
CA GLU A 157 5.78 23.88 -8.61
C GLU A 157 5.49 23.47 -7.14
N GLU A 158 4.85 22.30 -6.94
CA GLU A 158 4.62 21.76 -5.58
C GLU A 158 5.57 20.56 -5.35
N ASP A 159 6.58 20.44 -6.22
CA ASP A 159 7.51 19.35 -6.16
C ASP A 159 8.84 19.74 -5.50
N PRO A 160 9.12 19.14 -4.35
CA PRO A 160 10.36 19.45 -3.59
C PRO A 160 11.59 18.96 -4.35
N ALA A 161 11.42 17.93 -5.18
CA ALA A 161 12.51 17.39 -5.98
C ALA A 161 12.97 18.39 -7.07
N LYS A 162 12.21 19.49 -7.21
CA LYS A 162 12.44 20.56 -8.18
C LYS A 162 12.56 21.97 -7.59
N PHE A 163 12.59 22.12 -6.28
CA PHE A 163 12.55 23.44 -5.63
C PHE A 163 13.82 23.76 -4.86
N LYS A 164 14.28 24.99 -5.01
CA LYS A 164 15.42 25.46 -4.27
C LYS A 164 14.93 26.71 -3.58
N SER A 165 15.07 26.80 -2.25
CA SER A 165 14.63 28.02 -1.56
C SER A 165 15.65 29.10 -1.80
N ILE A 166 15.15 30.26 -2.22
CA ILE A 166 16.06 31.37 -2.45
C ILE A 166 16.41 32.03 -1.11
N LYS A 167 15.50 31.98 -0.15
CA LYS A 167 15.78 32.56 1.14
C LYS A 167 16.68 31.70 2.03
N THR A 168 16.89 30.42 1.71
CA THR A 168 17.66 29.54 2.65
C THR A 168 18.55 28.50 1.97
N GLY A 169 18.37 28.28 0.67
CA GLY A 169 19.21 27.34 -0.08
C GLY A 169 18.90 25.88 0.11
N ARG A 170 17.96 25.58 1.01
CA ARG A 170 17.44 24.22 1.12
C ARG A 170 16.80 23.78 -0.23
N GLY A 171 17.11 22.55 -0.63
CA GLY A 171 16.50 21.91 -1.80
C GLY A 171 17.32 22.02 -3.09
N PRO A 172 16.97 21.27 -4.12
CA PRO A 172 15.78 20.43 -4.12
C PRO A 172 16.11 19.01 -3.70
N LEU A 173 15.07 18.23 -3.47
CA LEU A 173 15.28 17.03 -2.70
C LEU A 173 15.52 15.85 -3.63
N GLY A 174 16.78 15.46 -3.73
CA GLY A 174 17.08 14.32 -4.57
C GLY A 174 16.79 13.01 -3.84
N PRO A 175 16.82 11.91 -4.59
CA PRO A 175 16.58 10.57 -4.02
C PRO A 175 17.38 10.29 -2.76
N ASN A 176 18.61 10.80 -2.59
CA ASN A 176 19.36 10.53 -1.33
C ASN A 176 19.08 11.56 -0.29
N TRP A 177 18.16 12.47 -0.59
CA TRP A 177 18.08 13.72 0.18
C TRP A 177 18.37 13.48 1.68
N LYS A 178 17.84 12.38 2.22
CA LYS A 178 18.05 11.93 3.61
C LYS A 178 19.52 11.71 3.93
N GLN A 179 20.11 10.69 3.28
CA GLN A 179 21.52 10.35 3.46
C GLN A 179 22.33 11.63 3.44
N GLU A 180 22.04 12.54 2.52
CA GLU A 180 22.79 13.82 2.47
C GLU A 180 22.57 14.60 3.73
N LEU A 181 21.32 14.84 4.09
CA LEU A 181 20.93 15.43 5.40
C LEU A 181 21.74 14.93 6.58
N VAL A 182 22.16 13.68 6.50
CA VAL A 182 22.88 13.18 7.63
C VAL A 182 24.32 13.67 7.59
N ASN A 183 24.85 13.80 6.37
CA ASN A 183 26.20 14.29 6.09
C ASN A 183 26.57 15.71 6.48
N GLN A 184 25.63 16.59 6.85
CA GLN A 184 26.02 18.00 7.02
C GLN A 184 25.48 18.59 8.31
N LYS A 185 26.19 19.58 8.87
CA LYS A 185 25.86 20.24 10.18
C LYS A 185 24.66 21.24 10.15
N ASP A 186 24.80 22.29 9.31
CA ASP A 186 23.80 23.40 9.09
C ASP A 186 22.54 22.90 8.29
N CYS A 187 22.04 21.74 8.74
CA CYS A 187 20.90 21.04 8.15
C CYS A 187 19.98 20.58 9.28
N PRO A 188 18.89 21.30 9.54
CA PRO A 188 17.88 20.82 10.45
C PRO A 188 17.05 19.71 9.83
N TYR A 189 16.29 19.05 10.69
CA TYR A 189 15.35 18.01 10.31
C TYR A 189 14.52 17.62 11.52
N MSE A 190 13.30 17.21 11.26
CA MSE A 190 12.41 16.72 12.29
C MSE A 190 11.65 15.56 11.72
O MSE A 190 11.85 15.19 10.57
CB MSE A 190 11.39 17.75 12.58
CG MSE A 190 10.29 17.73 11.60
SE MSE A 190 9.44 19.41 11.74
CE MSE A 190 7.80 18.75 12.60
N CYS A 191 10.77 14.99 12.53
CA CYS A 191 9.78 14.02 12.04
C CYS A 191 8.47 14.35 12.70
N ALA A 192 7.41 14.37 11.90
CA ALA A 192 6.08 14.43 12.47
C ALA A 192 5.50 13.03 12.54
N TYR A 193 5.29 12.55 13.78
CA TYR A 193 4.72 11.23 14.04
C TYR A 193 3.22 11.38 14.21
N LYS A 194 2.48 11.23 13.13
CA LYS A 194 1.07 11.50 13.16
C LYS A 194 0.27 10.22 13.27
N LEU A 195 -0.31 10.01 14.43
CA LEU A 195 -1.04 8.82 14.68
C LEU A 195 -2.50 9.03 14.34
N VAL A 196 -3.00 8.30 13.36
CA VAL A 196 -4.35 8.53 12.89
C VAL A 196 -5.24 7.36 13.26
N THR A 197 -6.38 7.66 13.85
CA THR A 197 -7.27 6.67 14.39
C THR A 197 -8.56 6.78 13.61
N VAL A 198 -8.99 5.72 12.92
CA VAL A 198 -10.21 5.84 12.14
C VAL A 198 -11.23 4.87 12.62
N LYS A 199 -12.45 5.37 12.78
CA LYS A 199 -13.58 4.59 13.22
C LYS A 199 -14.79 4.93 12.40
N PHE A 200 -15.44 3.90 11.89
CA PHE A 200 -16.61 4.10 11.08
C PHE A 200 -17.54 2.90 11.20
N LYS A 201 -18.29 2.75 12.29
CA LYS A 201 -19.09 1.53 12.44
C LYS A 201 -20.42 1.58 11.69
N TRP A 202 -20.46 1.09 10.46
CA TRP A 202 -21.67 1.18 9.66
C TRP A 202 -21.80 -0.09 8.87
N TRP A 203 -22.92 -0.80 9.04
CA TRP A 203 -23.11 -2.14 8.42
C TRP A 203 -22.65 -2.20 6.95
N GLY A 204 -21.65 -3.05 6.70
CA GLY A 204 -21.15 -3.32 5.36
C GLY A 204 -20.23 -2.31 4.71
N LEU A 205 -19.88 -1.23 5.41
CA LEU A 205 -19.02 -0.26 4.78
C LEU A 205 -17.80 0.03 5.61
N GLN A 206 -17.74 -0.53 6.81
CA GLN A 206 -16.64 -0.28 7.73
C GLN A 206 -15.25 -0.50 7.08
N ASN A 207 -14.84 -1.72 6.77
CA ASN A 207 -13.55 -1.88 6.11
C ASN A 207 -13.36 -0.91 4.91
N LYS A 208 -14.34 -0.83 4.03
CA LYS A 208 -14.27 0.04 2.85
C LYS A 208 -14.00 1.51 3.17
N VAL A 209 -14.76 2.09 4.11
CA VAL A 209 -14.63 3.49 4.49
C VAL A 209 -13.37 3.72 5.35
N GLU A 210 -13.11 2.83 6.30
CA GLU A 210 -11.90 2.93 7.09
C GLU A 210 -10.69 3.03 6.19
N ASN A 211 -10.64 2.23 5.15
CA ASN A 211 -9.46 2.19 4.33
C ASN A 211 -9.40 3.34 3.41
N PHE A 212 -10.56 3.84 3.04
CA PHE A 212 -10.61 4.98 2.17
C PHE A 212 -10.11 6.23 2.88
N ILE A 213 -10.49 6.38 4.14
CA ILE A 213 -10.04 7.52 4.90
C ILE A 213 -8.51 7.47 5.10
N HIS A 214 -7.98 6.32 5.52
CA HIS A 214 -6.54 6.21 5.68
C HIS A 214 -5.83 6.51 4.39
N LYS A 215 -6.42 6.17 3.25
CA LYS A 215 -5.72 6.49 2.02
C LYS A 215 -5.87 7.93 1.73
N GLN A 216 -7.01 8.52 2.07
CA GLN A 216 -7.17 9.94 1.81
C GLN A 216 -6.34 10.80 2.77
N GLU A 217 -6.23 10.39 4.04
CA GLU A 217 -5.38 11.10 5.01
C GLU A 217 -3.95 11.09 4.54
N ARG A 218 -3.50 9.94 4.09
CA ARG A 218 -2.15 9.79 3.59
C ARG A 218 -1.83 10.60 2.33
N ARG A 219 -2.85 10.93 1.57
CA ARG A 219 -2.69 11.65 0.35
C ARG A 219 -2.47 13.09 0.76
N LEU A 220 -3.25 13.48 1.76
CA LEU A 220 -3.19 14.80 2.34
C LEU A 220 -1.86 15.05 3.02
N PHE A 221 -1.42 14.15 3.86
CA PHE A 221 -0.19 14.42 4.54
C PHE A 221 0.91 14.49 3.49
N THR A 222 0.74 13.78 2.40
CA THR A 222 1.76 13.83 1.36
C THR A 222 1.75 15.14 0.59
N ASN A 223 0.61 15.56 0.04
CA ASN A 223 0.64 16.84 -0.68
C ASN A 223 0.96 17.99 0.22
N PHE A 224 0.33 18.02 1.40
CA PHE A 224 0.52 19.08 2.41
C PHE A 224 1.96 19.31 2.73
N HIS A 225 2.72 18.25 2.98
CA HIS A 225 4.09 18.42 3.35
C HIS A 225 4.96 18.77 2.17
N ARG A 226 4.70 18.15 1.00
CA ARG A 226 5.28 18.67 -0.24
C ARG A 226 5.04 20.17 -0.30
N GLN A 227 3.79 20.59 -0.19
CA GLN A 227 3.52 22.02 -0.27
C GLN A 227 4.20 22.84 0.86
N LEU A 228 4.14 22.36 2.10
CA LEU A 228 4.80 23.08 3.19
C LEU A 228 6.18 23.47 2.77
N PHE A 229 6.90 22.52 2.17
CA PHE A 229 8.29 22.72 1.87
C PHE A 229 8.45 23.66 0.70
N CYS A 230 7.78 23.38 -0.40
CA CYS A 230 7.84 24.23 -1.58
C CYS A 230 7.37 25.66 -1.25
N TRP A 231 6.97 25.88 -0.02
CA TRP A 231 6.42 27.16 0.36
C TRP A 231 7.29 27.82 1.38
N LEU A 232 8.46 27.24 1.61
CA LEU A 232 9.40 27.74 2.61
C LEU A 232 9.56 29.31 2.57
N ASP A 233 9.95 29.81 1.41
CA ASP A 233 10.23 31.21 1.24
C ASP A 233 9.07 32.06 1.61
N LYS A 234 7.90 31.46 1.75
CA LYS A 234 6.74 32.30 2.03
C LYS A 234 6.53 32.42 3.53
N TRP A 235 6.97 31.44 4.30
CA TRP A 235 6.70 31.47 5.76
C TRP A 235 7.95 31.44 6.63
N VAL A 236 9.12 31.17 6.03
CA VAL A 236 10.32 31.06 6.83
C VAL A 236 10.70 32.31 7.60
N ASP A 237 10.22 33.48 7.23
CA ASP A 237 10.52 34.68 8.03
C ASP A 237 9.35 35.08 8.86
N LEU A 238 8.46 34.19 9.21
CA LEU A 238 7.22 34.75 9.78
C LEU A 238 7.07 34.65 11.33
N THR A 239 6.40 35.61 11.97
CA THR A 239 6.26 35.55 13.44
C THR A 239 4.94 34.94 13.77
N MSE A 240 4.80 34.41 15.00
CA MSE A 240 3.51 33.90 15.46
C MSE A 240 2.46 34.95 15.25
O MSE A 240 1.41 34.69 14.65
CB MSE A 240 3.53 33.53 16.94
CG MSE A 240 3.49 32.02 17.22
SE MSE A 240 2.89 30.71 15.78
CE MSE A 240 3.74 29.22 16.35
N ASP A 241 2.75 36.16 15.71
CA ASP A 241 1.78 37.24 15.50
C ASP A 241 1.62 37.55 14.03
N ASP A 242 2.66 37.40 13.20
CA ASP A 242 2.40 37.57 11.76
C ASP A 242 1.32 36.50 11.31
N ILE A 243 1.40 35.31 11.93
CA ILE A 243 0.45 34.22 11.68
C ILE A 243 -0.98 34.47 12.21
N ARG A 244 -1.14 34.74 13.50
CA ARG A 244 -2.49 34.96 14.02
C ARG A 244 -3.32 35.93 13.16
N ARG A 245 -2.65 36.92 12.55
CA ARG A 245 -3.32 37.90 11.69
C ARG A 245 -3.72 37.25 10.36
N MSE A 246 -2.84 36.43 9.80
CA MSE A 246 -3.19 35.63 8.64
C MSE A 246 -4.46 34.82 8.96
O MSE A 246 -5.47 34.98 8.31
CB MSE A 246 -2.05 34.73 8.27
CG MSE A 246 -2.14 34.31 6.87
SE MSE A 246 -0.99 32.78 6.61
CE MSE A 246 0.74 33.87 6.65
N GLU A 247 -4.39 33.98 9.98
CA GLU A 247 -5.56 33.24 10.44
C GLU A 247 -6.86 34.07 10.41
N GLU A 248 -6.87 35.24 11.05
CA GLU A 248 -8.03 36.15 11.01
C GLU A 248 -8.51 36.45 9.55
N GLU A 249 -7.57 36.84 8.69
CA GLU A 249 -7.91 37.27 7.35
C GLU A 249 -8.57 36.09 6.62
N THR A 250 -7.99 34.92 6.89
CA THR A 250 -8.35 33.64 6.30
C THR A 250 -9.74 33.16 6.75
N LYS A 251 -10.10 33.36 8.02
CA LYS A 251 -11.47 33.02 8.43
C LYS A 251 -12.46 33.71 7.50
N ARG A 252 -12.36 35.04 7.36
CA ARG A 252 -13.25 35.75 6.45
C ARG A 252 -13.07 35.31 4.95
N GLN A 253 -11.83 35.16 4.45
CA GLN A 253 -11.64 34.82 3.04
C GLN A 253 -12.30 33.50 2.63
N LEU A 254 -12.01 32.45 3.39
CA LEU A 254 -12.73 31.20 3.25
C LEU A 254 -14.25 31.42 3.25
N ASP A 255 -14.79 32.20 4.19
CA ASP A 255 -16.23 32.36 4.16
C ASP A 255 -16.66 32.97 2.81
N GLU A 256 -15.82 33.82 2.22
CA GLU A 256 -16.12 34.44 0.94
C GLU A 256 -15.82 33.50 -0.24
N MSE A 257 -14.65 32.85 -0.22
CA MSE A 257 -14.28 31.82 -1.20
C MSE A 257 -15.37 30.75 -1.39
O MSE A 257 -15.92 30.62 -2.47
CB MSE A 257 -12.98 31.12 -0.79
CG MSE A 257 -11.82 32.05 -0.36
SE MSE A 257 -10.11 31.33 -0.99
CE MSE A 257 -10.62 29.49 -0.68
N ARG A 258 -15.71 30.04 -0.33
CA ARG A 258 -16.70 28.97 -0.45
C ARG A 258 -18.03 29.39 -1.15
N GLN A 259 -18.46 30.65 -0.93
CA GLN A 259 -19.64 31.13 -1.58
C GLN A 259 -19.36 31.53 -3.05
N LYS A 260 -18.37 32.36 -3.28
CA LYS A 260 -18.28 33.03 -4.58
C LYS A 260 -17.39 32.32 -5.61
N ASP A 261 -16.75 31.24 -5.22
CA ASP A 261 -15.67 30.66 -6.01
C ASP A 261 -16.10 29.32 -6.68
N PRO A 262 -15.47 28.94 -7.80
CA PRO A 262 -15.64 27.59 -8.39
C PRO A 262 -15.20 26.49 -7.43
N VAL A 263 -15.59 25.24 -7.64
CA VAL A 263 -14.89 24.15 -6.95
C VAL A 263 -13.42 24.17 -7.38
N LYS A 264 -12.52 24.20 -6.39
CA LYS A 264 -11.11 23.85 -6.59
C LYS A 264 -10.75 22.81 -5.54
N GLY A 265 -9.59 22.18 -5.73
CA GLY A 265 -9.06 21.39 -4.67
C GLY A 265 -8.64 20.06 -5.14
N MSE A 266 -8.58 19.13 -4.22
CA MSE A 266 -8.32 17.76 -4.55
C MSE A 266 -9.62 17.15 -5.00
O MSE A 266 -10.70 17.56 -4.55
CB MSE A 266 -7.83 17.06 -3.32
CG MSE A 266 -6.36 17.07 -3.23
SE MSE A 266 -5.77 16.57 -1.47
CE MSE A 266 -7.10 17.62 -0.31
N THR A 267 -9.54 16.17 -5.90
CA THR A 267 -10.76 15.57 -6.46
C THR A 267 -10.74 14.12 -6.11
N ALA A 268 -11.88 13.54 -5.74
CA ALA A 268 -11.75 12.36 -4.87
C ALA A 268 -11.73 11.00 -5.50
N ASP A 269 -11.19 10.05 -4.71
CA ASP A 269 -10.82 8.63 -5.02
C ASP A 269 -11.89 7.54 -4.85
N MSE B 1 9.61 -6.80 -24.25
CA MSE B 1 9.80 -5.86 -23.07
C MSE B 1 9.95 -6.53 -21.70
O MSE B 1 9.32 -7.55 -21.39
CB MSE B 1 8.75 -4.72 -23.00
CG MSE B 1 9.48 -3.40 -22.74
SE MSE B 1 8.56 -1.99 -22.12
CE MSE B 1 8.53 -2.05 -20.07
N VAL B 2 10.76 -5.88 -20.85
CA VAL B 2 11.29 -6.47 -19.64
C VAL B 2 11.69 -5.30 -18.76
N LEU B 3 11.64 -5.41 -17.42
CA LEU B 3 12.02 -4.29 -16.55
C LEU B 3 13.26 -4.58 -15.72
N LEU B 4 14.19 -3.63 -15.72
CA LEU B 4 15.51 -3.85 -15.10
C LEU B 4 15.92 -2.83 -14.09
N LYS B 5 16.29 -3.32 -12.93
CA LYS B 5 16.72 -2.46 -11.86
C LYS B 5 17.96 -3.02 -11.22
N GLU B 6 18.91 -2.17 -10.87
CA GLU B 6 20.09 -2.57 -10.08
C GLU B 6 20.00 -2.16 -8.63
N TYR B 7 19.91 -3.12 -7.74
CA TYR B 7 19.97 -2.81 -6.32
C TYR B 7 21.37 -2.79 -5.76
N ARG B 8 21.79 -1.65 -5.23
CA ARG B 8 23.12 -1.48 -4.68
C ARG B 8 23.13 -1.53 -3.17
N VAL B 9 23.58 -2.63 -2.61
CA VAL B 9 23.65 -2.82 -1.16
C VAL B 9 25.08 -2.61 -0.61
N ILE B 10 25.28 -1.47 0.04
CA ILE B 10 26.55 -1.16 0.63
C ILE B 10 26.52 -1.79 2.00
N LEU B 11 27.62 -2.44 2.37
CA LEU B 11 27.69 -3.20 3.61
C LEU B 11 29.00 -2.96 4.35
N PRO B 12 28.94 -2.95 5.68
CA PRO B 12 30.12 -2.70 6.53
C PRO B 12 30.88 -4.00 6.78
N VAL B 13 31.00 -4.82 5.75
CA VAL B 13 31.72 -6.07 5.85
C VAL B 13 32.49 -6.30 4.56
N SER B 14 33.52 -7.13 4.65
CA SER B 14 34.42 -7.39 3.54
C SER B 14 33.80 -8.33 2.51
N VAL B 15 34.23 -8.15 1.27
CA VAL B 15 33.88 -9.11 0.24
C VAL B 15 34.12 -10.56 0.70
N ASP B 16 34.99 -10.77 1.69
CA ASP B 16 35.36 -12.13 2.04
C ASP B 16 34.56 -12.76 3.13
N GLU B 17 34.13 -11.92 4.07
CA GLU B 17 33.25 -12.36 5.13
C GLU B 17 31.88 -12.63 4.47
N TYR B 18 31.49 -11.70 3.60
CA TYR B 18 30.19 -11.72 2.94
C TYR B 18 29.90 -13.07 2.26
N GLN B 19 30.93 -13.68 1.68
CA GLN B 19 30.75 -14.98 1.05
C GLN B 19 30.09 -15.98 1.97
N VAL B 20 30.57 -15.99 3.22
CA VAL B 20 30.07 -16.88 4.23
C VAL B 20 28.74 -16.34 4.77
N GLY B 21 28.73 -15.08 5.17
CA GLY B 21 27.54 -14.45 5.70
C GLY B 21 26.31 -14.72 4.85
N GLN B 22 26.41 -14.39 3.58
CA GLN B 22 25.30 -14.65 2.69
C GLN B 22 24.83 -16.12 2.70
N LEU B 23 25.77 -17.06 2.66
CA LEU B 23 25.37 -18.45 2.50
C LEU B 23 24.67 -18.97 3.71
N TYR B 24 25.03 -18.36 4.86
CA TYR B 24 24.45 -18.72 6.13
C TYR B 24 23.08 -18.12 6.18
N SER B 25 22.99 -16.85 5.79
CA SER B 25 21.73 -16.17 5.91
C SER B 25 20.71 -16.66 4.89
N VAL B 26 21.13 -17.09 3.70
CA VAL B 26 20.12 -17.70 2.87
C VAL B 26 19.42 -18.82 3.62
N ALA B 27 20.19 -19.61 4.34
CA ALA B 27 19.68 -20.77 5.01
C ALA B 27 18.75 -20.37 6.13
N GLU B 28 19.21 -19.45 6.99
CA GLU B 28 18.40 -18.97 8.09
C GLU B 28 17.10 -18.39 7.52
N ALA B 29 17.23 -17.47 6.57
CA ALA B 29 16.03 -16.85 5.98
C ALA B 29 15.09 -17.88 5.33
N SER B 30 15.67 -18.88 4.67
CA SER B 30 14.87 -19.92 4.07
C SER B 30 13.98 -20.57 5.12
N LYS B 31 14.56 -20.88 6.28
CA LYS B 31 13.81 -21.44 7.39
C LYS B 31 12.74 -20.45 7.82
N ASN B 32 13.07 -19.17 7.78
CA ASN B 32 12.16 -18.19 8.31
C ASN B 32 10.89 -18.02 7.50
N GLU B 33 10.89 -18.56 6.28
CA GLU B 33 9.76 -18.42 5.34
C GLU B 33 9.00 -19.76 5.11
N THR B 34 9.61 -20.84 5.57
CA THR B 34 9.04 -22.14 5.30
C THR B 34 8.07 -22.70 6.36
N GLY B 35 7.01 -23.29 5.85
CA GLY B 35 5.91 -23.66 6.70
C GLY B 35 4.57 -23.40 6.04
N GLY B 36 3.56 -24.01 6.66
CA GLY B 36 2.21 -24.04 6.12
C GLY B 36 2.13 -24.57 4.70
N GLY B 37 3.17 -25.28 4.28
CA GLY B 37 3.18 -25.81 2.94
C GLY B 37 3.82 -24.84 1.98
N GLU B 38 4.24 -23.67 2.47
CA GLU B 38 4.88 -22.68 1.60
C GLU B 38 6.37 -22.59 1.94
N GLY B 39 7.12 -21.92 1.05
CA GLY B 39 8.51 -21.58 1.32
C GLY B 39 9.54 -22.29 0.46
N VAL B 40 10.67 -22.60 1.08
CA VAL B 40 11.80 -23.18 0.36
C VAL B 40 11.94 -24.70 0.47
N GLU B 41 12.06 -25.33 -0.72
CA GLU B 41 12.45 -26.74 -0.92
C GLU B 41 13.74 -26.79 -1.71
N VAL B 42 14.78 -27.37 -1.15
CA VAL B 42 16.02 -27.48 -1.89
C VAL B 42 16.05 -28.79 -2.61
N LEU B 43 16.41 -28.76 -3.89
CA LEU B 43 16.50 -29.99 -4.69
C LEU B 43 17.96 -30.37 -4.96
N VAL B 44 18.77 -29.40 -5.39
CA VAL B 44 20.16 -29.65 -5.74
C VAL B 44 21.05 -28.55 -5.11
N ASN B 45 22.14 -28.96 -4.44
CA ASN B 45 23.17 -28.06 -3.91
C ASN B 45 24.50 -28.76 -4.09
N GLU B 46 25.13 -28.57 -5.24
CA GLU B 46 26.27 -29.37 -5.66
C GLU B 46 27.28 -28.44 -6.29
N PRO B 47 28.58 -28.68 -6.12
CA PRO B 47 29.60 -28.02 -6.96
C PRO B 47 29.43 -28.22 -8.48
N TYR B 48 30.02 -27.29 -9.23
CA TYR B 48 29.95 -27.30 -10.67
C TYR B 48 31.21 -26.64 -11.25
N GLU B 49 31.48 -26.95 -12.52
CA GLU B 49 32.65 -26.49 -13.24
C GLU B 49 32.23 -26.30 -14.73
N LYS B 50 32.07 -25.06 -15.19
CA LYS B 50 31.75 -24.82 -16.61
C LYS B 50 33.03 -24.96 -17.45
N ASP B 51 34.04 -24.12 -17.18
CA ASP B 51 35.43 -24.28 -17.70
C ASP B 51 36.41 -23.31 -16.99
N GLY B 52 36.54 -22.11 -17.58
CA GLY B 52 37.09 -20.98 -16.84
C GLY B 52 36.07 -20.40 -15.85
N GLU B 53 35.34 -21.31 -15.17
CA GLU B 53 34.43 -21.00 -14.05
C GLU B 53 34.11 -22.22 -13.20
N LYS B 54 34.36 -22.05 -11.90
CA LYS B 54 34.15 -23.02 -10.82
C LYS B 54 33.14 -22.44 -9.75
N GLY B 55 32.23 -23.25 -9.23
CA GLY B 55 31.44 -22.77 -8.09
C GLY B 55 30.42 -23.74 -7.54
N GLN B 56 29.32 -23.20 -7.03
CA GLN B 56 28.24 -24.00 -6.49
C GLN B 56 26.94 -23.84 -7.19
N TYR B 57 26.24 -24.94 -7.40
CA TYR B 57 24.96 -24.89 -8.11
C TYR B 57 23.79 -25.37 -7.29
N THR B 58 22.69 -24.61 -7.35
CA THR B 58 21.53 -24.90 -6.52
C THR B 58 20.37 -24.88 -7.45
N HIS B 59 19.40 -25.74 -7.14
CA HIS B 59 18.09 -25.76 -7.75
C HIS B 59 17.08 -25.87 -6.60
N LYS B 60 16.28 -24.82 -6.42
CA LYS B 60 15.25 -24.83 -5.38
C LYS B 60 13.86 -24.62 -5.93
N ILE B 61 12.87 -24.88 -5.10
CA ILE B 61 11.51 -24.55 -5.44
C ILE B 61 10.98 -23.62 -4.36
N TYR B 62 10.41 -22.48 -4.79
CA TYR B 62 9.65 -21.61 -3.88
C TYR B 62 8.17 -21.94 -4.00
N HIS B 63 7.57 -22.26 -2.87
CA HIS B 63 6.19 -22.67 -2.77
C HIS B 63 5.32 -21.52 -2.27
N LEU B 64 4.34 -21.09 -3.07
CA LEU B 64 3.61 -19.85 -2.80
C LEU B 64 2.13 -20.08 -2.83
N GLN B 65 1.46 -19.64 -1.78
CA GLN B 65 0.01 -19.70 -1.73
C GLN B 65 -0.41 -18.41 -1.10
N SER B 66 -0.44 -18.34 0.21
CA SER B 66 -1.10 -17.22 0.80
C SER B 66 -0.17 -16.11 1.12
N LYS B 67 1.11 -16.31 0.84
CA LYS B 67 2.08 -15.30 1.18
C LYS B 67 2.16 -14.32 0.04
N VAL B 68 1.42 -14.59 -1.02
CA VAL B 68 1.31 -13.70 -2.16
C VAL B 68 -0.11 -13.11 -2.24
N PRO B 69 -0.24 -11.96 -2.93
CA PRO B 69 -1.51 -11.23 -3.02
C PRO B 69 -2.52 -12.00 -3.81
N THR B 70 -3.78 -11.74 -3.50
CA THR B 70 -4.90 -12.37 -4.16
C THR B 70 -4.83 -12.32 -5.68
N PHE B 71 -4.43 -11.19 -6.28
CA PHE B 71 -4.35 -11.08 -7.75
C PHE B 71 -3.21 -11.92 -8.30
N VAL B 72 -2.17 -12.26 -7.52
CA VAL B 72 -1.22 -13.23 -8.07
C VAL B 72 -1.74 -14.63 -7.84
N ARG B 73 -2.18 -14.94 -6.63
CA ARG B 73 -2.75 -16.27 -6.40
C ARG B 73 -3.70 -16.65 -7.54
N MSE B 74 -4.57 -15.72 -7.91
CA MSE B 74 -5.54 -15.95 -9.00
C MSE B 74 -5.01 -16.24 -10.38
O MSE B 74 -5.81 -16.52 -11.27
CB MSE B 74 -6.49 -14.78 -9.18
CG MSE B 74 -7.73 -14.94 -8.37
SE MSE B 74 -8.96 -13.47 -8.65
CE MSE B 74 -8.00 -11.69 -8.39
N LEU B 75 -3.71 -16.15 -10.60
CA LEU B 75 -3.12 -16.50 -11.89
C LEU B 75 -3.17 -17.99 -12.08
N ALA B 76 -3.39 -18.74 -11.00
CA ALA B 76 -3.59 -20.17 -11.16
C ALA B 76 -4.95 -20.63 -10.57
N PRO B 77 -5.67 -21.52 -11.26
CA PRO B 77 -6.88 -22.14 -10.67
C PRO B 77 -6.69 -22.83 -9.35
N GLU B 78 -5.54 -23.44 -9.07
CA GLU B 78 -5.40 -24.13 -7.79
C GLU B 78 -5.14 -23.08 -6.69
N GLY B 79 -4.88 -21.84 -7.12
CA GLY B 79 -4.62 -20.72 -6.22
C GLY B 79 -3.25 -20.81 -5.58
N ALA B 80 -2.31 -21.38 -6.31
CA ALA B 80 -1.04 -21.81 -5.75
C ALA B 80 0.01 -21.85 -6.84
N LEU B 81 1.22 -21.42 -6.53
CA LEU B 81 2.32 -21.41 -7.49
C LEU B 81 3.55 -22.11 -6.95
N ASN B 82 4.36 -22.62 -7.88
CA ASN B 82 5.72 -23.01 -7.64
C ASN B 82 6.60 -22.29 -8.62
N ILE B 83 7.63 -21.63 -8.15
CA ILE B 83 8.55 -21.10 -9.10
C ILE B 83 9.90 -21.70 -8.78
N HIS B 84 10.63 -22.03 -9.83
CA HIS B 84 11.88 -22.75 -9.74
C HIS B 84 13.02 -21.76 -9.81
N GLU B 85 13.99 -21.96 -8.95
CA GLU B 85 15.17 -21.11 -8.89
C GLU B 85 16.42 -21.94 -9.13
N LYS B 86 17.13 -21.68 -10.21
CA LYS B 86 18.40 -22.30 -10.43
C LYS B 86 19.49 -21.21 -10.31
N ALA B 87 20.52 -21.47 -9.52
CA ALA B 87 21.58 -20.49 -9.39
C ALA B 87 22.97 -21.04 -9.53
N TRP B 88 23.84 -20.26 -10.17
CA TRP B 88 25.23 -20.58 -10.36
C TRP B 88 26.00 -19.61 -9.52
N ASN B 89 26.44 -20.04 -8.36
CA ASN B 89 27.08 -19.10 -7.53
C ASN B 89 28.58 -19.23 -7.72
N ALA B 90 29.20 -18.28 -8.42
CA ALA B 90 30.66 -18.35 -8.55
C ALA B 90 31.24 -17.22 -7.78
N TYR B 91 31.07 -17.18 -6.48
CA TYR B 91 31.35 -15.91 -5.77
C TYR B 91 32.77 -15.46 -6.15
N PRO B 92 33.02 -14.18 -6.45
CA PRO B 92 32.17 -13.01 -6.15
C PRO B 92 31.08 -12.70 -7.14
N TYR B 93 30.88 -13.53 -8.16
CA TYR B 93 29.80 -13.30 -9.11
C TYR B 93 28.70 -14.36 -8.99
N CYS B 94 27.45 -13.91 -9.01
CA CYS B 94 26.38 -14.90 -8.92
C CYS B 94 25.30 -14.66 -9.97
N ARG B 95 24.73 -15.74 -10.52
CA ARG B 95 23.67 -15.64 -11.54
C ARG B 95 22.52 -16.57 -11.17
N THR B 96 21.33 -16.01 -11.00
CA THR B 96 20.17 -16.70 -10.47
C THR B 96 19.02 -16.50 -11.45
N VAL B 97 18.25 -17.55 -11.70
CA VAL B 97 17.25 -17.51 -12.76
C VAL B 97 15.99 -18.15 -12.21
N ILE B 98 14.90 -17.40 -12.12
CA ILE B 98 13.65 -17.90 -11.55
C ILE B 98 12.65 -18.08 -12.67
N THR B 99 12.00 -19.24 -12.69
CA THR B 99 11.10 -19.60 -13.78
C THR B 99 9.84 -20.26 -13.31
N ASN B 100 8.84 -20.36 -14.18
CA ASN B 100 7.69 -21.16 -13.85
C ASN B 100 7.43 -22.09 -15.02
N GLU B 101 6.96 -23.28 -14.71
CA GLU B 101 6.58 -24.26 -15.70
C GLU B 101 5.42 -23.83 -16.66
N TYR B 102 4.29 -23.34 -16.10
CA TYR B 102 3.12 -23.03 -16.93
C TYR B 102 3.33 -21.73 -17.78
N MSE B 103 4.48 -21.09 -17.63
CA MSE B 103 4.69 -19.82 -18.27
C MSE B 103 5.79 -19.86 -19.34
O MSE B 103 5.85 -18.95 -20.21
CB MSE B 103 5.02 -18.82 -17.21
CG MSE B 103 3.92 -18.66 -16.18
SE MSE B 103 2.99 -16.95 -16.55
CE MSE B 103 4.33 -15.67 -15.95
N LYS B 104 6.63 -20.88 -19.28
CA LYS B 104 7.64 -21.14 -20.30
C LYS B 104 8.68 -19.98 -20.36
N GLU B 105 8.53 -19.02 -21.28
CA GLU B 105 9.52 -17.96 -21.37
C GLU B 105 8.90 -16.55 -21.30
N ASP B 106 7.60 -16.48 -20.96
CA ASP B 106 7.03 -15.20 -20.63
C ASP B 106 7.26 -14.69 -19.20
N PHE B 107 7.84 -15.49 -18.32
CA PHE B 107 8.11 -15.10 -16.94
C PHE B 107 9.56 -15.32 -16.62
N LEU B 108 10.23 -14.29 -16.13
CA LEU B 108 11.59 -14.47 -15.68
C LEU B 108 11.86 -13.53 -14.52
N ILE B 109 12.52 -14.03 -13.51
CA ILE B 109 13.16 -13.14 -12.56
C ILE B 109 14.57 -13.54 -12.57
N LYS B 110 15.43 -12.68 -13.06
CA LYS B 110 16.86 -12.99 -13.04
C LYS B 110 17.62 -12.01 -12.16
N ILE B 111 18.50 -12.55 -11.31
CA ILE B 111 19.36 -11.75 -10.45
C ILE B 111 20.82 -12.03 -10.79
N GLU B 112 21.56 -11.00 -11.19
CA GLU B 112 22.98 -11.14 -11.48
C GLU B 112 23.73 -10.19 -10.56
N THR B 113 24.60 -10.75 -9.77
CA THR B 113 25.19 -9.98 -8.69
C THR B 113 26.72 -10.02 -8.79
N TRP B 114 27.32 -8.84 -8.59
CA TRP B 114 28.76 -8.69 -8.51
C TRP B 114 29.05 -8.15 -7.12
N HIS B 115 29.87 -8.84 -6.34
CA HIS B 115 30.31 -8.33 -5.05
C HIS B 115 31.68 -7.73 -5.14
N LYS B 116 31.75 -6.42 -4.90
CA LYS B 116 32.95 -5.63 -5.13
C LYS B 116 33.36 -4.84 -3.89
N PRO B 117 34.67 -4.69 -3.67
CA PRO B 117 35.18 -4.03 -2.47
C PRO B 117 35.14 -2.53 -2.60
N ASP B 118 34.01 -1.93 -3.02
CA ASP B 118 33.86 -0.46 -2.96
C ASP B 118 32.51 0.03 -2.37
N LEU B 119 32.15 1.29 -2.62
CA LEU B 119 30.96 1.90 -2.01
C LEU B 119 29.89 2.15 -3.05
N GLY B 120 29.74 1.19 -3.95
CA GLY B 120 28.76 1.28 -5.02
C GLY B 120 28.93 2.43 -6.00
N THR B 121 30.15 2.91 -6.23
CA THR B 121 30.40 4.01 -7.20
C THR B 121 30.59 3.55 -8.61
N GLN B 122 30.44 2.28 -8.91
CA GLN B 122 30.72 1.82 -10.26
C GLN B 122 29.44 1.81 -11.06
N GLU B 123 29.31 2.67 -12.07
CA GLU B 123 28.18 2.58 -13.00
C GLU B 123 28.48 1.41 -13.97
N ASN B 124 27.43 0.62 -14.26
CA ASN B 124 27.45 -0.47 -15.21
C ASN B 124 28.50 -1.54 -14.94
N VAL B 125 28.62 -1.99 -13.69
CA VAL B 125 29.59 -3.06 -13.44
C VAL B 125 29.25 -4.36 -14.09
N HIS B 126 28.01 -4.51 -14.54
CA HIS B 126 27.60 -5.69 -15.31
C HIS B 126 27.84 -5.54 -16.82
N LYS B 127 28.44 -4.44 -17.26
CA LYS B 127 28.89 -4.29 -18.66
C LYS B 127 27.74 -4.53 -19.69
N LEU B 128 26.53 -4.18 -19.27
CA LEU B 128 25.42 -4.10 -20.18
C LEU B 128 25.73 -3.29 -21.45
N GLU B 129 25.04 -3.62 -22.53
CA GLU B 129 25.14 -2.80 -23.72
C GLU B 129 24.51 -1.41 -23.46
N PRO B 130 25.19 -0.35 -23.84
CA PRO B 130 24.70 1.04 -23.63
C PRO B 130 23.23 1.35 -23.75
N GLU B 131 22.53 0.88 -24.77
CA GLU B 131 21.12 1.20 -24.99
C GLU B 131 20.26 0.68 -23.82
N ALA B 132 20.38 -0.64 -23.53
CA ALA B 132 19.76 -1.24 -22.31
C ALA B 132 20.12 -0.54 -20.98
N TRP B 133 21.41 -0.32 -20.76
CA TRP B 133 21.82 0.41 -19.58
C TRP B 133 20.99 1.66 -19.38
N LYS B 134 20.65 2.35 -20.47
CA LYS B 134 19.94 3.63 -20.32
C LYS B 134 18.58 3.46 -19.61
N HIS B 135 18.04 2.23 -19.60
CA HIS B 135 16.73 1.97 -18.98
C HIS B 135 16.83 1.29 -17.54
N VAL B 136 17.98 1.39 -16.88
CA VAL B 136 18.13 0.69 -15.62
C VAL B 136 18.12 1.66 -14.50
N GLU B 137 17.08 1.59 -13.67
CA GLU B 137 17.04 2.41 -12.47
C GLU B 137 17.95 1.80 -11.44
N ALA B 138 18.81 2.65 -10.89
CA ALA B 138 19.76 2.21 -9.90
C ALA B 138 19.16 2.55 -8.56
N VAL B 139 19.06 1.59 -7.67
CA VAL B 139 18.40 1.83 -6.39
C VAL B 139 19.28 1.52 -5.17
N TYR B 140 19.51 2.49 -4.28
CA TYR B 140 20.41 2.20 -3.17
C TYR B 140 19.63 1.64 -1.97
N ILE B 141 20.05 0.49 -1.44
CA ILE B 141 19.38 -0.01 -0.24
C ILE B 141 20.26 0.33 0.95
N ASP B 142 19.75 1.16 1.86
CA ASP B 142 20.52 1.48 3.04
C ASP B 142 19.99 0.64 4.20
N ILE B 143 20.85 -0.22 4.74
CA ILE B 143 20.48 -1.15 5.82
C ILE B 143 20.29 -0.53 7.20
N ALA B 144 20.64 0.74 7.36
CA ALA B 144 20.37 1.41 8.65
C ALA B 144 19.10 2.28 8.65
N ASP B 145 18.64 2.68 7.45
CA ASP B 145 17.52 3.58 7.33
C ASP B 145 16.21 2.86 7.65
N ARG B 146 15.58 3.27 8.73
CA ARG B 146 14.38 2.65 9.27
C ARG B 146 13.23 2.95 8.32
N SER B 147 13.28 4.09 7.67
CA SER B 147 12.23 4.47 6.79
C SER B 147 12.07 3.53 5.62
N GLN B 148 13.09 2.69 5.39
CA GLN B 148 13.17 1.77 4.26
C GLN B 148 12.64 0.39 4.59
N VAL B 149 12.25 0.17 5.83
CA VAL B 149 11.65 -1.08 6.29
C VAL B 149 10.11 -0.99 6.27
N LEU B 150 9.47 -2.04 5.78
CA LEU B 150 8.03 -2.17 5.82
C LEU B 150 7.60 -2.32 7.28
N SER B 151 6.48 -1.70 7.64
CA SER B 151 6.07 -1.66 9.05
C SER B 151 5.90 -3.06 9.54
N LYS B 152 5.14 -3.87 8.83
CA LYS B 152 4.86 -5.22 9.33
C LYS B 152 6.13 -6.03 9.44
N ASP B 153 7.20 -5.62 8.76
CA ASP B 153 8.47 -6.33 8.78
C ASP B 153 9.36 -5.88 9.87
N TYR B 154 9.17 -4.71 10.47
CA TYR B 154 10.20 -4.23 11.43
C TYR B 154 10.34 -5.10 12.66
N LYS B 155 11.57 -5.23 13.14
CA LYS B 155 11.91 -5.98 14.37
C LYS B 155 13.18 -5.44 15.02
N ALA B 156 13.10 -5.00 16.27
CA ALA B 156 14.22 -4.32 16.96
C ALA B 156 15.48 -5.20 16.92
N GLU B 157 15.25 -6.49 17.00
CA GLU B 157 16.36 -7.43 17.06
C GLU B 157 17.03 -7.72 15.66
N GLU B 158 16.40 -7.28 14.55
CA GLU B 158 17.07 -7.32 13.23
C GLU B 158 17.27 -5.90 12.73
N ASP B 159 17.42 -4.99 13.70
CA ASP B 159 17.66 -3.58 13.41
C ASP B 159 19.13 -3.23 13.57
N PRO B 160 19.85 -3.07 12.45
CA PRO B 160 21.29 -2.81 12.53
C PRO B 160 21.59 -1.47 13.21
N ALA B 161 20.60 -0.61 13.31
CA ALA B 161 20.81 0.71 13.90
C ALA B 161 20.70 0.58 15.40
N LYS B 162 20.56 -0.68 15.86
CA LYS B 162 20.48 -1.00 17.29
C LYS B 162 21.32 -2.22 17.65
N PHE B 163 22.21 -2.64 16.76
CA PHE B 163 22.92 -3.89 16.99
C PHE B 163 24.39 -3.58 17.06
N LYS B 164 25.07 -4.17 18.06
CA LYS B 164 26.52 -4.11 18.17
C LYS B 164 27.09 -5.50 18.23
N SER B 165 27.97 -5.82 17.31
CA SER B 165 28.58 -7.14 17.32
C SER B 165 29.43 -7.40 18.57
N ILE B 166 29.16 -8.48 19.28
CA ILE B 166 29.99 -8.75 20.47
C ILE B 166 31.29 -9.43 20.05
N LYS B 167 31.27 -10.14 18.93
CA LYS B 167 32.52 -10.70 18.45
C LYS B 167 33.36 -9.73 17.61
N THR B 168 32.83 -8.56 17.26
CA THR B 168 33.51 -7.72 16.27
C THR B 168 33.49 -6.25 16.59
N GLY B 169 32.52 -5.84 17.36
CA GLY B 169 32.38 -4.44 17.66
C GLY B 169 31.74 -3.57 16.58
N ARG B 170 31.51 -4.10 15.37
CA ARG B 170 30.76 -3.30 14.42
C ARG B 170 29.32 -3.14 14.85
N GLY B 171 28.80 -1.96 14.53
CA GLY B 171 27.44 -1.56 14.86
C GLY B 171 27.38 -0.82 16.18
N PRO B 172 26.32 -0.05 16.43
CA PRO B 172 25.12 0.00 15.60
C PRO B 172 25.24 1.01 14.49
N LEU B 173 24.38 0.91 13.48
CA LEU B 173 24.56 1.71 12.33
C LEU B 173 23.79 3.05 12.44
N GLY B 174 24.53 4.11 12.68
CA GLY B 174 23.90 5.40 12.84
C GLY B 174 23.62 5.99 11.48
N PRO B 175 22.83 7.04 11.43
CA PRO B 175 22.51 7.66 10.14
C PRO B 175 23.77 8.00 9.30
N ASN B 176 24.90 8.37 9.93
CA ASN B 176 26.08 8.77 9.17
C ASN B 176 26.91 7.52 9.00
N TRP B 177 26.41 6.36 9.37
CA TRP B 177 27.33 5.20 9.42
C TRP B 177 28.31 5.12 8.23
N LYS B 178 27.92 5.51 7.01
CA LYS B 178 28.79 5.44 5.82
C LYS B 178 29.92 6.43 5.94
N GLN B 179 29.61 7.72 5.91
CA GLN B 179 30.61 8.75 6.23
C GLN B 179 31.59 8.25 7.34
N GLU B 180 31.08 7.80 8.49
CA GLU B 180 31.93 7.20 9.55
C GLU B 180 32.84 6.13 8.92
N LEU B 181 32.29 5.05 8.40
CA LEU B 181 33.06 4.09 7.58
C LEU B 181 34.20 4.66 6.75
N VAL B 182 33.98 5.82 6.17
CA VAL B 182 35.08 6.32 5.34
C VAL B 182 36.28 6.87 6.20
N ASN B 183 35.94 7.36 7.40
CA ASN B 183 36.83 7.91 8.42
C ASN B 183 37.69 6.88 9.18
N GLN B 184 37.54 5.57 8.94
CA GLN B 184 38.36 4.65 9.76
C GLN B 184 39.08 3.54 8.97
N LYS B 185 40.20 3.08 9.54
CA LYS B 185 41.09 2.07 8.93
C LYS B 185 40.51 0.64 8.88
N ASP B 186 40.45 0.07 10.11
CA ASP B 186 39.95 -1.29 10.47
C ASP B 186 38.41 -1.40 10.30
N CYS B 187 37.94 -0.93 9.14
CA CYS B 187 36.54 -1.04 8.81
C CYS B 187 36.48 -1.51 7.37
N PRO B 188 36.09 -2.77 7.17
CA PRO B 188 35.78 -3.25 5.81
C PRO B 188 34.43 -2.71 5.30
N TYR B 189 34.23 -2.87 3.99
CA TYR B 189 32.98 -2.54 3.29
C TYR B 189 33.04 -3.06 1.88
N MSE B 190 31.89 -3.21 1.29
CA MSE B 190 31.77 -3.76 -0.02
C MSE B 190 30.46 -3.21 -0.51
O MSE B 190 29.76 -2.50 0.21
CB MSE B 190 31.60 -5.24 0.12
CG MSE B 190 30.22 -5.59 0.61
SE MSE B 190 30.18 -7.40 0.94
CE MSE B 190 29.51 -7.90 -0.64
N CYS B 191 30.13 -3.60 -1.74
CA CYS B 191 28.84 -3.30 -2.29
C CYS B 191 28.37 -4.47 -3.12
N ALA B 192 27.11 -4.84 -2.97
CA ALA B 192 26.49 -5.86 -3.79
C ALA B 192 25.67 -5.15 -4.85
N TYR B 193 26.12 -5.24 -6.09
CA TYR B 193 25.46 -4.69 -7.26
C TYR B 193 24.54 -5.74 -7.84
N LYS B 194 23.30 -5.78 -7.39
CA LYS B 194 22.39 -6.84 -7.77
C LYS B 194 21.46 -6.38 -8.88
N LEU B 195 21.73 -6.80 -10.10
CA LEU B 195 20.91 -6.47 -11.25
C LEU B 195 19.71 -7.43 -11.44
N VAL B 196 18.50 -6.90 -11.37
CA VAL B 196 17.33 -7.74 -11.38
C VAL B 196 16.51 -7.50 -12.63
N THR B 197 16.23 -8.58 -13.34
CA THR B 197 15.52 -8.51 -14.60
C THR B 197 14.22 -9.18 -14.36
N VAL B 198 13.13 -8.48 -14.56
CA VAL B 198 11.86 -9.11 -14.43
C VAL B 198 11.13 -9.09 -15.76
N LYS B 199 10.55 -10.23 -16.11
CA LYS B 199 9.66 -10.36 -17.26
C LYS B 199 8.39 -11.08 -16.87
N PHE B 200 7.27 -10.57 -17.36
CA PHE B 200 6.01 -11.26 -17.12
C PHE B 200 5.05 -10.87 -18.24
N LYS B 201 5.12 -11.55 -19.38
CA LYS B 201 4.27 -11.13 -20.53
C LYS B 201 2.90 -11.78 -20.50
N TRP B 202 1.92 -11.06 -19.98
CA TRP B 202 0.57 -11.59 -19.70
C TRP B 202 -0.40 -10.42 -19.86
N TRP B 203 -1.42 -10.59 -20.69
CA TRP B 203 -2.25 -9.45 -21.05
C TRP B 203 -2.84 -8.82 -19.87
N GLY B 204 -2.57 -7.53 -19.74
CA GLY B 204 -3.20 -6.72 -18.70
C GLY B 204 -2.53 -6.75 -17.35
N LEU B 205 -1.52 -7.59 -17.21
CA LEU B 205 -0.93 -7.76 -15.89
C LEU B 205 0.55 -7.41 -15.85
N GLN B 206 1.15 -7.23 -17.03
CA GLN B 206 2.60 -6.92 -17.12
C GLN B 206 3.10 -5.81 -16.18
N ASN B 207 2.81 -4.54 -16.45
CA ASN B 207 3.27 -3.51 -15.52
C ASN B 207 2.94 -3.78 -14.09
N LYS B 208 1.71 -4.18 -13.80
CA LYS B 208 1.33 -4.55 -12.41
C LYS B 208 2.27 -5.58 -11.76
N VAL B 209 2.51 -6.67 -12.46
CA VAL B 209 3.36 -7.74 -11.94
C VAL B 209 4.86 -7.37 -11.97
N GLU B 210 5.31 -6.74 -13.04
CA GLU B 210 6.70 -6.34 -13.12
C GLU B 210 6.96 -5.46 -11.91
N ASN B 211 6.06 -4.55 -11.67
CA ASN B 211 6.24 -3.63 -10.57
C ASN B 211 6.12 -4.25 -9.21
N PHE B 212 5.21 -5.20 -9.06
CA PHE B 212 5.03 -5.87 -7.80
C PHE B 212 6.25 -6.65 -7.45
N ILE B 213 6.81 -7.36 -8.43
CA ILE B 213 7.98 -8.19 -8.20
C ILE B 213 9.18 -7.33 -7.80
N HIS B 214 9.36 -6.19 -8.46
CA HIS B 214 10.49 -5.36 -8.14
C HIS B 214 10.38 -4.80 -6.75
N LYS B 215 9.14 -4.51 -6.33
CA LYS B 215 8.89 -4.07 -4.98
C LYS B 215 9.08 -5.14 -3.93
N GLN B 216 8.78 -6.38 -4.28
CA GLN B 216 9.03 -7.46 -3.34
C GLN B 216 10.50 -7.86 -3.29
N GLU B 217 11.21 -7.83 -4.41
CA GLU B 217 12.64 -8.14 -4.43
C GLU B 217 13.35 -7.14 -3.54
N ARG B 218 12.99 -5.87 -3.69
CA ARG B 218 13.60 -4.81 -2.92
C ARG B 218 13.36 -4.91 -1.43
N ARG B 219 12.21 -5.46 -1.04
CA ARG B 219 11.88 -5.64 0.36
C ARG B 219 12.76 -6.75 0.89
N LEU B 220 13.00 -7.75 0.06
CA LEU B 220 13.78 -8.88 0.44
C LEU B 220 15.22 -8.51 0.54
N PHE B 221 15.80 -7.86 -0.46
CA PHE B 221 17.20 -7.47 -0.30
C PHE B 221 17.34 -6.65 0.96
N THR B 222 16.29 -5.91 1.29
CA THR B 222 16.28 -5.02 2.44
C THR B 222 16.29 -5.80 3.73
N ASN B 223 15.33 -6.70 3.90
CA ASN B 223 15.24 -7.41 5.13
C ASN B 223 16.43 -8.32 5.29
N PHE B 224 16.81 -8.99 4.21
CA PHE B 224 17.95 -9.91 4.15
C PHE B 224 19.24 -9.35 4.67
N HIS B 225 19.65 -8.23 4.11
CA HIS B 225 20.87 -7.57 4.50
C HIS B 225 20.84 -6.96 5.88
N ARG B 226 19.67 -6.55 6.34
CA ARG B 226 19.53 -6.16 7.72
C ARG B 226 19.72 -7.38 8.60
N GLN B 227 19.07 -8.47 8.29
CA GLN B 227 19.31 -9.66 9.09
C GLN B 227 20.74 -10.21 8.89
N LEU B 228 21.29 -10.20 7.68
CA LEU B 228 22.70 -10.63 7.50
C LEU B 228 23.61 -9.94 8.48
N PHE B 229 23.43 -8.65 8.62
CA PHE B 229 24.28 -7.90 9.52
C PHE B 229 23.96 -8.16 11.00
N CYS B 230 22.69 -8.13 11.38
CA CYS B 230 22.38 -8.50 12.76
C CYS B 230 22.74 -9.91 13.12
N TRP B 231 23.26 -10.65 12.17
CA TRP B 231 23.57 -12.03 12.44
C TRP B 231 25.04 -12.25 12.37
N LEU B 232 25.78 -11.17 12.45
CA LEU B 232 27.21 -11.23 12.29
C LEU B 232 27.82 -12.27 13.21
N ASP B 233 27.56 -12.15 14.51
CA ASP B 233 28.21 -13.04 15.49
C ASP B 233 27.85 -14.49 15.29
N LYS B 234 26.84 -14.78 14.48
CA LYS B 234 26.52 -16.16 14.23
C LYS B 234 27.31 -16.79 13.12
N TRP B 235 27.67 -16.03 12.10
CA TRP B 235 28.41 -16.55 10.94
C TRP B 235 29.85 -16.03 10.82
N VAL B 236 30.24 -15.03 11.59
CA VAL B 236 31.53 -14.44 11.33
C VAL B 236 32.72 -15.41 11.56
N ASP B 237 32.59 -16.38 12.47
CA ASP B 237 33.67 -17.38 12.55
C ASP B 237 33.46 -18.65 11.75
N LEU B 238 32.69 -18.62 10.67
CA LEU B 238 32.39 -19.89 10.05
C LEU B 238 33.30 -20.25 8.88
N THR B 239 33.48 -21.55 8.63
CA THR B 239 34.31 -21.97 7.51
C THR B 239 33.36 -22.43 6.46
N MSE B 240 33.77 -22.42 5.19
CA MSE B 240 32.93 -22.96 4.12
C MSE B 240 32.45 -24.38 4.41
O MSE B 240 31.27 -24.72 4.23
CB MSE B 240 33.69 -22.96 2.79
CG MSE B 240 33.05 -22.03 1.70
SE MSE B 240 31.44 -20.99 2.25
CE MSE B 240 32.06 -19.18 1.70
N ASP B 241 33.36 -25.22 4.88
CA ASP B 241 32.97 -26.54 5.33
C ASP B 241 31.93 -26.46 6.44
N ASP B 242 32.09 -25.52 7.38
CA ASP B 242 31.11 -25.39 8.45
C ASP B 242 29.73 -25.08 7.78
N ILE B 243 29.74 -24.33 6.67
CA ILE B 243 28.53 -24.00 5.88
C ILE B 243 27.91 -25.19 5.10
N ARG B 244 28.69 -25.86 4.25
CA ARG B 244 28.07 -26.91 3.42
C ARG B 244 27.38 -27.98 4.28
N ARG B 245 27.85 -28.09 5.54
CA ARG B 245 27.23 -28.95 6.57
C ARG B 245 25.87 -28.41 6.99
N MSE B 246 25.82 -27.10 7.27
CA MSE B 246 24.53 -26.48 7.57
C MSE B 246 23.55 -26.55 6.39
O MSE B 246 22.40 -26.93 6.58
CB MSE B 246 24.68 -25.06 8.15
CG MSE B 246 23.38 -24.28 8.19
SE MSE B 246 23.91 -22.41 8.33
CE MSE B 246 23.87 -22.23 10.37
N GLU B 247 24.02 -26.25 5.18
CA GLU B 247 23.16 -26.47 4.02
C GLU B 247 22.51 -27.88 4.06
N GLU B 248 23.31 -28.94 4.23
CA GLU B 248 22.78 -30.33 4.33
C GLU B 248 21.65 -30.49 5.41
N GLU B 249 21.91 -30.00 6.63
CA GLU B 249 20.92 -30.08 7.70
C GLU B 249 19.63 -29.33 7.29
N THR B 250 19.83 -28.14 6.70
CA THR B 250 18.74 -27.26 6.26
C THR B 250 17.93 -27.82 5.07
N LYS B 251 18.53 -28.47 4.05
CA LYS B 251 17.69 -29.26 3.13
C LYS B 251 16.62 -30.08 3.90
N ARG B 252 17.06 -30.90 4.85
CA ARG B 252 16.12 -31.77 5.58
C ARG B 252 15.15 -30.96 6.44
N GLN B 253 15.68 -30.00 7.20
CA GLN B 253 14.83 -29.27 8.12
C GLN B 253 13.66 -28.58 7.37
N LEU B 254 13.97 -27.85 6.29
CA LEU B 254 12.97 -27.20 5.43
C LEU B 254 11.98 -28.25 5.01
N ASP B 255 12.46 -29.39 4.49
CA ASP B 255 11.53 -30.44 4.05
C ASP B 255 10.53 -30.76 5.17
N GLU B 256 11.00 -30.75 6.43
CA GLU B 256 10.14 -31.04 7.58
C GLU B 256 9.33 -29.81 8.01
N MSE B 257 9.97 -28.64 8.03
CA MSE B 257 9.26 -27.42 8.43
C MSE B 257 8.05 -27.21 7.54
O MSE B 257 6.97 -26.87 8.03
CB MSE B 257 10.15 -26.19 8.32
CG MSE B 257 11.40 -26.19 9.14
SE MSE B 257 11.98 -24.31 9.36
CE MSE B 257 10.88 -23.52 8.16
N ARG B 258 8.22 -27.37 6.23
CA ARG B 258 7.14 -27.05 5.29
C ARG B 258 5.91 -27.90 5.56
N GLN B 259 6.14 -29.17 5.90
CA GLN B 259 5.05 -30.04 6.29
C GLN B 259 4.52 -29.70 7.69
N LYS B 260 5.37 -29.66 8.70
CA LYS B 260 4.85 -29.71 10.08
C LYS B 260 4.56 -28.36 10.76
N ASP B 261 4.86 -27.26 10.09
CA ASP B 261 4.86 -25.95 10.74
C ASP B 261 3.70 -25.04 10.30
N PRO B 262 3.36 -24.03 11.09
CA PRO B 262 2.32 -23.10 10.63
C PRO B 262 2.92 -22.25 9.49
N VAL B 263 2.11 -21.43 8.83
CA VAL B 263 2.66 -20.56 7.81
C VAL B 263 3.38 -19.47 8.52
N LYS B 264 4.60 -19.15 8.11
CA LYS B 264 5.34 -18.03 8.70
C LYS B 264 5.95 -17.15 7.62
N GLY B 265 6.77 -16.18 7.99
CA GLY B 265 7.49 -15.39 7.01
C GLY B 265 6.77 -14.13 6.56
N MSE B 266 7.25 -13.57 5.46
CA MSE B 266 6.62 -12.40 4.89
C MSE B 266 5.38 -12.80 4.20
O MSE B 266 5.30 -13.87 3.59
CB MSE B 266 7.50 -11.72 3.89
CG MSE B 266 8.81 -11.42 4.46
SE MSE B 266 9.93 -10.60 3.16
CE MSE B 266 9.98 -12.04 1.80
N THR B 267 4.40 -11.95 4.32
CA THR B 267 3.17 -12.14 3.59
C THR B 267 3.12 -11.00 2.53
N ALA B 268 2.25 -11.05 1.53
CA ALA B 268 2.26 -9.98 0.50
C ALA B 268 1.02 -9.12 0.21
N ASP B 269 1.18 -8.20 -0.74
CA ASP B 269 0.49 -6.90 -0.77
C ASP B 269 -0.38 -6.78 -2.05
N MSE C 1 1.80 -9.37 -59.67
CA MSE C 1 1.96 -10.78 -59.25
C MSE C 1 3.36 -11.02 -58.66
O MSE C 1 4.36 -10.40 -59.05
CB MSE C 1 1.59 -11.74 -60.40
CG MSE C 1 1.16 -13.16 -59.93
SE MSE C 1 2.41 -14.40 -60.55
CE MSE C 1 2.63 -15.86 -59.28
N VAL C 2 3.40 -11.94 -57.72
CA VAL C 2 4.43 -12.02 -56.70
C VAL C 2 4.40 -13.45 -56.12
N LEU C 3 5.55 -14.08 -55.85
CA LEU C 3 5.52 -15.49 -55.40
C LEU C 3 5.85 -15.64 -53.91
N LEU C 4 5.00 -16.36 -53.17
CA LEU C 4 5.05 -16.43 -51.69
C LEU C 4 5.20 -17.83 -51.12
N LYS C 5 6.20 -17.97 -50.28
CA LYS C 5 6.38 -19.23 -49.61
C LYS C 5 6.76 -18.96 -48.17
N GLU C 6 6.31 -19.85 -47.28
CA GLU C 6 6.64 -19.78 -45.85
C GLU C 6 7.56 -20.95 -45.50
N TYR C 7 8.78 -20.65 -45.09
CA TYR C 7 9.65 -21.72 -44.63
C TYR C 7 9.56 -21.86 -43.11
N ARG C 8 9.20 -23.06 -42.66
CA ARG C 8 9.09 -23.36 -41.23
C ARG C 8 10.30 -24.12 -40.66
N VAL C 9 11.16 -23.40 -39.98
CA VAL C 9 12.25 -24.08 -39.37
C VAL C 9 12.04 -24.36 -37.88
N ILE C 10 11.74 -25.63 -37.61
CA ILE C 10 11.73 -26.18 -36.27
C ILE C 10 13.15 -26.36 -35.79
N LEU C 11 13.45 -25.83 -34.60
CA LEU C 11 14.76 -25.99 -33.97
C LEU C 11 14.67 -26.52 -32.54
N PRO C 12 15.72 -27.23 -32.11
CA PRO C 12 15.73 -27.80 -30.78
C PRO C 12 16.37 -26.83 -29.81
N VAL C 13 15.93 -25.57 -29.87
CA VAL C 13 16.44 -24.51 -29.00
C VAL C 13 15.30 -23.57 -28.67
N SER C 14 15.45 -22.84 -27.57
CA SER C 14 14.39 -21.97 -27.10
C SER C 14 14.27 -20.74 -27.98
N VAL C 15 13.07 -20.16 -28.03
CA VAL C 15 12.92 -18.83 -28.60
C VAL C 15 13.90 -17.85 -28.03
N ASP C 16 14.44 -18.08 -26.83
CA ASP C 16 15.28 -17.04 -26.22
C ASP C 16 16.76 -17.17 -26.46
N GLU C 17 17.22 -18.41 -26.65
CA GLU C 17 18.61 -18.61 -27.03
C GLU C 17 18.68 -18.17 -28.48
N TYR C 18 17.69 -18.58 -29.23
CA TYR C 18 17.73 -18.35 -30.63
C TYR C 18 18.01 -16.91 -30.89
N GLN C 19 17.41 -16.04 -30.09
CA GLN C 19 17.65 -14.61 -30.29
C GLN C 19 19.13 -14.21 -30.44
N VAL C 20 19.99 -14.86 -29.64
CA VAL C 20 21.42 -14.58 -29.65
C VAL C 20 22.06 -15.46 -30.72
N GLY C 21 21.62 -16.72 -30.81
CA GLY C 21 22.19 -17.65 -31.77
C GLY C 21 22.14 -17.08 -33.17
N GLN C 22 20.95 -16.60 -33.53
CA GLN C 22 20.72 -15.95 -34.80
C GLN C 22 21.68 -14.82 -35.04
N LEU C 23 21.82 -13.96 -34.06
CA LEU C 23 22.58 -12.74 -34.22
C LEU C 23 24.06 -13.01 -34.43
N TYR C 24 24.46 -14.13 -33.87
CA TYR C 24 25.83 -14.54 -33.85
C TYR C 24 26.15 -15.19 -35.19
N SER C 25 25.27 -16.08 -35.58
CA SER C 25 25.45 -16.75 -36.83
C SER C 25 25.31 -15.82 -38.04
N VAL C 26 24.36 -14.91 -38.04
CA VAL C 26 24.36 -13.92 -39.09
C VAL C 26 25.77 -13.42 -39.37
N ALA C 27 26.54 -13.13 -38.33
CA ALA C 27 27.85 -12.51 -38.50
C ALA C 27 28.88 -13.52 -38.94
N GLU C 28 28.76 -14.74 -38.43
CA GLU C 28 29.69 -15.78 -38.80
C GLU C 28 29.47 -16.11 -40.27
N ALA C 29 28.22 -16.39 -40.62
CA ALA C 29 27.88 -16.58 -42.02
C ALA C 29 28.32 -15.43 -42.92
N SER C 30 28.04 -14.20 -42.52
CA SER C 30 28.46 -13.08 -43.34
C SER C 30 29.95 -13.26 -43.68
N LYS C 31 30.82 -13.51 -42.70
CA LYS C 31 32.23 -13.61 -43.05
C LYS C 31 32.51 -14.82 -43.92
N ASN C 32 31.68 -15.84 -43.78
CA ASN C 32 31.92 -17.02 -44.55
C ASN C 32 31.55 -16.81 -46.03
N GLU C 33 31.01 -15.65 -46.37
CA GLU C 33 30.62 -15.40 -47.75
C GLU C 33 31.43 -14.28 -48.35
N THR C 34 32.11 -13.54 -47.50
CA THR C 34 32.71 -12.30 -47.92
C THR C 34 34.12 -12.53 -48.36
N GLY C 35 34.52 -11.89 -49.43
CA GLY C 35 35.78 -12.14 -50.09
C GLY C 35 35.68 -12.01 -51.61
N GLY C 36 36.83 -11.79 -52.24
CA GLY C 36 36.93 -11.61 -53.67
C GLY C 36 36.08 -10.45 -54.16
N GLY C 37 35.73 -9.54 -53.26
CA GLY C 37 34.92 -8.40 -53.64
C GLY C 37 33.46 -8.74 -53.58
N GLU C 38 33.18 -9.95 -53.10
CA GLU C 38 31.80 -10.39 -52.95
C GLU C 38 31.42 -10.46 -51.49
N GLY C 39 30.11 -10.52 -51.21
CA GLY C 39 29.60 -10.72 -49.87
C GLY C 39 28.93 -9.54 -49.18
N VAL C 40 29.10 -9.50 -47.85
CA VAL C 40 28.39 -8.56 -46.98
C VAL C 40 29.19 -7.33 -46.63
N GLU C 41 28.52 -6.20 -46.79
CA GLU C 41 28.98 -4.92 -46.32
C GLU C 41 27.92 -4.36 -45.37
N VAL C 42 28.31 -4.11 -44.12
CA VAL C 42 27.42 -3.45 -43.18
C VAL C 42 27.49 -1.90 -43.27
N LEU C 43 26.35 -1.24 -43.41
CA LEU C 43 26.38 0.22 -43.36
C LEU C 43 25.81 0.75 -42.04
N VAL C 44 24.68 0.20 -41.63
CA VAL C 44 24.01 0.64 -40.42
C VAL C 44 23.59 -0.52 -39.53
N ASN C 45 23.94 -0.44 -38.25
CA ASN C 45 23.42 -1.32 -37.18
C ASN C 45 23.23 -0.48 -35.88
N GLU C 46 22.00 -0.06 -35.63
CA GLU C 46 21.67 0.81 -34.52
C GLU C 46 20.19 0.63 -34.15
N PRO C 47 19.81 1.07 -32.96
CA PRO C 47 18.44 0.93 -32.45
C PRO C 47 17.41 1.82 -33.12
N TYR C 48 16.16 1.37 -33.13
CA TYR C 48 15.05 2.13 -33.70
C TYR C 48 13.74 2.01 -32.83
N GLU C 49 12.94 3.09 -32.87
CA GLU C 49 11.61 3.17 -32.28
C GLU C 49 10.75 3.67 -33.40
N LYS C 50 9.72 2.89 -33.77
CA LYS C 50 8.66 3.42 -34.65
C LYS C 50 7.50 3.99 -33.81
N ASP C 51 7.52 3.71 -32.48
CA ASP C 51 6.42 4.04 -31.51
C ASP C 51 5.41 2.87 -31.40
N GLY C 52 5.65 2.02 -30.38
CA GLY C 52 4.96 0.71 -30.27
C GLY C 52 5.83 -0.49 -30.62
N GLU C 53 6.98 -0.19 -31.24
CA GLU C 53 7.96 -1.21 -31.56
C GLU C 53 9.34 -0.59 -31.31
N LYS C 54 10.11 -1.21 -30.41
CA LYS C 54 11.52 -0.82 -30.26
C LYS C 54 12.32 -1.96 -30.86
N GLY C 55 13.47 -1.69 -31.44
CA GLY C 55 14.26 -2.78 -31.96
C GLY C 55 15.59 -2.34 -32.50
N GLN C 56 16.25 -3.27 -33.20
CA GLN C 56 17.45 -2.94 -33.95
C GLN C 56 17.20 -2.80 -35.45
N TYR C 57 18.01 -1.97 -36.10
CA TYR C 57 17.85 -1.65 -37.52
C TYR C 57 19.17 -1.81 -38.25
N THR C 58 19.10 -2.46 -39.40
CA THR C 58 20.31 -2.75 -40.12
C THR C 58 20.09 -2.39 -41.54
N HIS C 59 21.16 -1.93 -42.18
CA HIS C 59 21.20 -1.69 -43.58
C HIS C 59 22.50 -2.28 -44.07
N LYS C 60 22.40 -3.28 -44.93
CA LYS C 60 23.61 -3.88 -45.46
C LYS C 60 23.55 -3.93 -47.00
N ILE C 61 24.67 -4.28 -47.63
CA ILE C 61 24.69 -4.47 -49.06
C ILE C 61 25.28 -5.86 -49.35
N TYR C 62 24.59 -6.62 -50.19
CA TYR C 62 25.11 -7.89 -50.66
C TYR C 62 25.72 -7.67 -52.03
N HIS C 63 26.98 -8.04 -52.17
CA HIS C 63 27.69 -7.85 -53.41
C HIS C 63 27.81 -9.17 -54.15
N LEU C 64 27.35 -9.20 -55.38
CA LEU C 64 27.23 -10.46 -56.06
C LEU C 64 27.81 -10.35 -57.43
N GLN C 65 28.66 -11.31 -57.75
CA GLN C 65 29.32 -11.43 -59.02
C GLN C 65 29.22 -12.90 -59.34
N SER C 66 30.24 -13.59 -58.90
CA SER C 66 30.50 -14.90 -59.45
C SER C 66 29.73 -15.93 -58.67
N LYS C 67 29.15 -15.49 -57.57
CA LYS C 67 28.46 -16.39 -56.67
C LYS C 67 27.06 -16.64 -57.20
N VAL C 68 26.72 -16.00 -58.33
CA VAL C 68 25.38 -16.16 -58.88
C VAL C 68 25.50 -16.68 -60.30
N PRO C 69 24.51 -17.45 -60.78
CA PRO C 69 24.56 -18.00 -62.14
C PRO C 69 24.74 -16.97 -63.24
N THR C 70 25.27 -17.45 -64.34
CA THR C 70 25.55 -16.60 -65.48
C THR C 70 24.29 -15.80 -65.89
N PHE C 71 23.09 -16.42 -65.86
CA PHE C 71 21.91 -15.73 -66.31
C PHE C 71 21.54 -14.64 -65.41
N VAL C 72 21.97 -14.70 -64.17
CA VAL C 72 21.63 -13.58 -63.29
C VAL C 72 22.66 -12.52 -63.55
N ARG C 73 23.90 -12.93 -63.54
CA ARG C 73 24.99 -12.02 -63.66
C ARG C 73 24.77 -11.12 -64.86
N MSE C 74 24.25 -11.69 -65.97
CA MSE C 74 23.98 -10.99 -67.24
C MSE C 74 22.83 -10.01 -67.25
O MSE C 74 22.56 -9.36 -68.28
CB MSE C 74 23.74 -12.01 -68.30
CG MSE C 74 25.03 -12.63 -68.86
SE MSE C 74 24.63 -14.05 -70.18
CE MSE C 74 22.70 -13.57 -70.59
N LEU C 75 22.13 -9.89 -66.12
CA LEU C 75 21.11 -8.87 -65.93
C LEU C 75 21.75 -7.49 -65.92
N ALA C 76 23.05 -7.45 -65.71
CA ALA C 76 23.75 -6.19 -65.70
C ALA C 76 24.99 -6.25 -66.56
N PRO C 77 25.18 -5.20 -67.36
CA PRO C 77 26.38 -5.01 -68.18
C PRO C 77 27.66 -5.21 -67.40
N GLU C 78 27.76 -4.66 -66.20
CA GLU C 78 29.02 -4.77 -65.45
C GLU C 78 29.26 -6.22 -65.07
N GLY C 79 28.23 -7.07 -65.23
CA GLY C 79 28.29 -8.44 -64.79
C GLY C 79 28.33 -8.61 -63.28
N ALA C 80 27.74 -7.65 -62.55
CA ALA C 80 27.72 -7.66 -61.07
C ALA C 80 26.58 -6.86 -60.51
N LEU C 81 26.12 -7.29 -59.33
CA LEU C 81 24.95 -6.71 -58.68
C LEU C 81 25.22 -6.39 -57.26
N ASN C 82 24.53 -5.34 -56.80
CA ASN C 82 24.43 -4.99 -55.41
C ASN C 82 22.98 -5.04 -55.06
N ILE C 83 22.60 -5.77 -54.04
CA ILE C 83 21.23 -5.62 -53.58
C ILE C 83 21.24 -5.19 -52.12
N HIS C 84 20.40 -4.20 -51.80
CA HIS C 84 20.30 -3.57 -50.45
C HIS C 84 19.32 -4.27 -49.53
N GLU C 85 19.77 -4.54 -48.32
CA GLU C 85 18.93 -5.18 -47.31
C GLU C 85 18.68 -4.27 -46.12
N LYS C 86 17.43 -3.89 -45.92
CA LYS C 86 17.09 -3.07 -44.80
C LYS C 86 16.22 -3.95 -43.96
N ALA C 87 16.59 -4.10 -42.68
CA ALA C 87 15.92 -5.02 -41.75
C ALA C 87 15.53 -4.33 -40.47
N TRP C 88 14.29 -4.57 -40.06
CA TRP C 88 13.85 -4.12 -38.74
C TRP C 88 13.68 -5.32 -37.82
N ASN C 89 14.64 -5.54 -36.95
CA ASN C 89 14.51 -6.71 -36.12
C ASN C 89 13.91 -6.39 -34.75
N ALA C 90 12.65 -6.73 -34.55
CA ALA C 90 12.05 -6.57 -33.24
C ALA C 90 11.81 -7.95 -32.70
N TYR C 91 12.89 -8.68 -32.51
CA TYR C 91 12.77 -10.09 -32.13
C TYR C 91 11.76 -10.09 -31.00
N PRO C 92 10.79 -11.00 -30.95
CA PRO C 92 10.61 -12.19 -31.81
C PRO C 92 9.92 -12.02 -33.22
N TYR C 93 9.86 -10.79 -33.69
CA TYR C 93 9.32 -10.57 -35.04
C TYR C 93 10.36 -9.82 -35.85
N CYS C 94 10.72 -10.31 -37.03
CA CYS C 94 11.61 -9.51 -37.84
C CYS C 94 10.99 -9.24 -39.17
N ARG C 95 11.31 -8.10 -39.75
CA ARG C 95 10.95 -7.82 -41.15
C ARG C 95 12.12 -7.23 -41.92
N THR C 96 12.47 -7.90 -43.02
CA THR C 96 13.62 -7.61 -43.84
C THR C 96 13.16 -7.41 -45.27
N VAL C 97 13.69 -6.38 -45.90
CA VAL C 97 13.31 -6.01 -47.25
C VAL C 97 14.52 -5.85 -48.15
N ILE C 98 14.60 -6.60 -49.23
CA ILE C 98 15.74 -6.52 -50.14
C ILE C 98 15.38 -5.90 -51.52
N THR C 99 16.16 -4.92 -51.97
CA THR C 99 15.79 -4.20 -53.17
C THR C 99 16.99 -3.85 -53.94
N ASN C 100 16.79 -3.50 -55.20
CA ASN C 100 17.87 -3.02 -56.03
C ASN C 100 17.55 -1.66 -56.68
N GLU C 101 18.44 -0.71 -56.40
CA GLU C 101 18.31 0.71 -56.75
C GLU C 101 17.84 0.81 -58.13
N TYR C 102 18.69 0.26 -58.99
CA TYR C 102 18.44 0.26 -60.42
C TYR C 102 16.99 -0.15 -60.88
N MSE C 103 16.41 -1.13 -60.19
CA MSE C 103 15.07 -1.71 -60.47
C MSE C 103 13.85 -1.11 -59.74
O MSE C 103 12.69 -1.43 -60.04
CB MSE C 103 15.11 -3.19 -60.13
CG MSE C 103 16.14 -3.88 -60.87
SE MSE C 103 15.33 -5.05 -62.17
CE MSE C 103 15.49 -6.67 -60.94
N LYS C 104 14.09 -0.26 -58.77
CA LYS C 104 13.01 0.35 -58.03
C LYS C 104 12.04 -0.74 -57.67
N GLU C 105 10.80 -0.70 -58.14
CA GLU C 105 9.83 -1.57 -57.48
C GLU C 105 9.44 -2.86 -58.16
N ASP C 106 10.15 -3.18 -59.23
CA ASP C 106 9.91 -4.46 -59.85
C ASP C 106 10.67 -5.60 -59.18
N PHE C 107 11.53 -5.34 -58.20
CA PHE C 107 12.24 -6.43 -57.54
C PHE C 107 12.10 -6.31 -56.07
N LEU C 108 11.69 -7.40 -55.46
CA LEU C 108 11.49 -7.47 -54.01
C LEU C 108 11.80 -8.85 -53.46
N ILE C 109 12.72 -8.91 -52.52
CA ILE C 109 12.84 -10.08 -51.69
C ILE C 109 12.51 -9.57 -50.30
N LYS C 110 11.37 -9.99 -49.76
CA LYS C 110 10.99 -9.61 -48.42
C LYS C 110 10.87 -10.84 -47.49
N ILE C 111 11.47 -10.79 -46.30
CA ILE C 111 11.34 -11.88 -45.33
C ILE C 111 10.71 -11.36 -44.05
N GLU C 112 9.60 -11.98 -43.68
CA GLU C 112 8.90 -11.62 -42.48
C GLU C 112 8.88 -12.88 -41.63
N THR C 113 9.42 -12.80 -40.43
CA THR C 113 9.56 -13.98 -39.60
C THR C 113 8.94 -13.76 -38.26
N TRP C 114 8.22 -14.77 -37.78
CA TRP C 114 7.75 -14.79 -36.41
C TRP C 114 8.44 -16.00 -35.75
N HIS C 115 9.14 -15.78 -34.64
CA HIS C 115 9.69 -16.92 -33.93
C HIS C 115 8.82 -17.30 -32.74
N LYS C 116 8.33 -18.52 -32.77
CA LYS C 116 7.33 -18.93 -31.81
C LYS C 116 7.69 -20.27 -31.09
N PRO C 117 7.35 -20.37 -29.79
CA PRO C 117 7.69 -21.55 -28.98
C PRO C 117 6.94 -22.83 -29.34
N ASP C 118 6.70 -23.18 -30.61
CA ASP C 118 6.02 -24.45 -30.94
C ASP C 118 6.66 -25.23 -32.07
N LEU C 119 5.91 -26.20 -32.55
CA LEU C 119 6.37 -27.15 -33.56
C LEU C 119 5.81 -26.86 -34.98
N GLY C 120 5.80 -25.59 -35.35
CA GLY C 120 5.36 -25.22 -36.67
C GLY C 120 3.90 -25.55 -36.92
N THR C 121 3.10 -25.76 -35.87
CA THR C 121 1.64 -26.06 -36.05
C THR C 121 0.70 -24.89 -36.48
N GLN C 122 1.16 -23.65 -36.42
CA GLN C 122 0.23 -22.57 -36.72
C GLN C 122 0.14 -22.20 -38.19
N GLU C 123 -1.00 -22.47 -38.78
CA GLU C 123 -1.27 -21.93 -40.08
C GLU C 123 -1.47 -20.42 -39.99
N ASN C 124 -0.98 -19.69 -40.98
CA ASN C 124 -1.20 -18.27 -41.12
C ASN C 124 -0.84 -17.41 -39.91
N VAL C 125 0.27 -17.69 -39.27
CA VAL C 125 0.75 -16.88 -38.17
C VAL C 125 0.88 -15.48 -38.53
N HIS C 126 0.96 -15.18 -39.82
CA HIS C 126 1.26 -13.81 -40.27
C HIS C 126 -0.05 -13.13 -40.57
N LYS C 127 -1.13 -13.84 -40.26
CA LYS C 127 -2.48 -13.25 -40.35
C LYS C 127 -2.65 -12.53 -41.73
N LEU C 128 -2.25 -13.26 -42.77
CA LEU C 128 -2.37 -12.78 -44.10
C LEU C 128 -3.84 -12.83 -44.49
N GLU C 129 -4.22 -11.96 -45.44
CA GLU C 129 -5.55 -11.97 -46.08
C GLU C 129 -5.88 -13.39 -46.63
N PRO C 130 -7.12 -13.86 -46.54
CA PRO C 130 -7.38 -15.28 -46.84
C PRO C 130 -7.29 -15.66 -48.33
N GLU C 131 -7.58 -14.81 -49.32
CA GLU C 131 -7.29 -15.29 -50.69
C GLU C 131 -5.77 -15.36 -50.90
N ALA C 132 -5.00 -14.34 -50.45
CA ALA C 132 -3.53 -14.40 -50.57
C ALA C 132 -2.95 -15.65 -49.87
N TRP C 133 -3.36 -15.89 -48.65
CA TRP C 133 -2.97 -17.11 -47.95
C TRP C 133 -3.11 -18.35 -48.80
N LYS C 134 -4.20 -18.43 -49.55
CA LYS C 134 -4.44 -19.68 -50.28
C LYS C 134 -3.31 -20.01 -51.32
N HIS C 135 -2.47 -19.04 -51.68
CA HIS C 135 -1.38 -19.30 -52.61
C HIS C 135 0.02 -19.43 -51.97
N VAL C 136 0.08 -19.64 -50.68
CA VAL C 136 1.37 -19.67 -50.06
C VAL C 136 1.79 -21.11 -49.91
N GLU C 137 2.94 -21.43 -50.46
CA GLU C 137 3.48 -22.78 -50.26
C GLU C 137 4.21 -22.84 -48.92
N ALA C 138 3.81 -23.80 -48.09
CA ALA C 138 4.35 -23.94 -46.77
C ALA C 138 5.40 -25.04 -46.78
N VAL C 139 6.66 -24.66 -46.59
CA VAL C 139 7.77 -25.59 -46.74
C VAL C 139 8.51 -25.88 -45.40
N TYR C 140 8.60 -27.17 -44.99
CA TYR C 140 9.33 -27.50 -43.76
C TYR C 140 10.80 -27.82 -43.96
N ILE C 141 11.65 -27.09 -43.26
CA ILE C 141 13.05 -27.33 -43.47
C ILE C 141 13.52 -28.14 -42.33
N ASP C 142 14.03 -29.34 -42.58
CA ASP C 142 14.47 -30.21 -41.49
C ASP C 142 16.01 -30.22 -41.39
N ILE C 143 16.55 -29.68 -40.29
CA ILE C 143 17.98 -29.48 -40.17
C ILE C 143 18.83 -30.75 -40.01
N ALA C 144 18.17 -31.87 -39.80
CA ALA C 144 18.88 -33.13 -39.65
C ALA C 144 18.99 -33.86 -40.99
N ASP C 145 17.94 -33.75 -41.80
CA ASP C 145 17.84 -34.54 -42.99
C ASP C 145 18.91 -34.14 -44.01
N ARG C 146 19.78 -35.09 -44.32
CA ARG C 146 20.92 -34.84 -45.19
C ARG C 146 20.47 -34.69 -46.62
N SER C 147 19.42 -35.41 -46.98
CA SER C 147 18.87 -35.28 -48.34
C SER C 147 18.39 -33.83 -48.66
N GLN C 148 18.39 -32.93 -47.69
CA GLN C 148 17.93 -31.57 -47.93
C GLN C 148 19.09 -30.61 -48.14
N VAL C 149 20.30 -31.10 -47.98
CA VAL C 149 21.46 -30.26 -48.25
C VAL C 149 21.92 -30.47 -49.69
N LEU C 150 22.25 -29.39 -50.40
CA LEU C 150 22.98 -29.47 -51.66
C LEU C 150 24.32 -30.23 -51.51
N SER C 151 24.64 -31.17 -52.38
CA SER C 151 25.89 -31.89 -52.15
C SER C 151 27.13 -31.00 -52.09
N LYS C 152 27.29 -30.10 -53.04
CA LYS C 152 28.40 -29.17 -53.04
C LYS C 152 28.54 -28.47 -51.66
N ASP C 153 27.43 -28.43 -50.93
CA ASP C 153 27.25 -27.69 -49.67
C ASP C 153 27.65 -28.50 -48.46
N TYR C 154 27.59 -29.83 -48.53
CA TYR C 154 27.71 -30.63 -47.33
C TYR C 154 29.02 -30.45 -46.60
N LYS C 155 29.00 -30.53 -45.28
CA LYS C 155 30.21 -30.51 -44.47
C LYS C 155 29.92 -31.22 -43.16
N ALA C 156 30.66 -32.29 -42.86
CA ALA C 156 30.39 -33.12 -41.70
C ALA C 156 30.45 -32.33 -40.41
N GLU C 157 31.30 -31.31 -40.39
CA GLU C 157 31.39 -30.47 -39.19
C GLU C 157 30.27 -29.39 -39.06
N GLU C 158 29.41 -29.25 -40.09
CA GLU C 158 28.20 -28.41 -39.98
C GLU C 158 26.98 -29.31 -40.12
N ASP C 159 27.16 -30.59 -39.81
CA ASP C 159 26.06 -31.55 -39.82
C ASP C 159 25.49 -31.86 -38.40
N PRO C 160 24.28 -31.40 -38.09
CA PRO C 160 23.70 -31.65 -36.77
C PRO C 160 23.38 -33.16 -36.50
N ALA C 161 23.29 -33.95 -37.55
CA ALA C 161 23.11 -35.40 -37.37
C ALA C 161 24.41 -36.07 -36.87
N LYS C 162 25.46 -35.25 -36.68
CA LYS C 162 26.82 -35.65 -36.29
C LYS C 162 27.42 -34.80 -35.14
N PHE C 163 26.64 -33.89 -34.57
CA PHE C 163 27.19 -32.96 -33.61
C PHE C 163 26.54 -33.13 -32.27
N LYS C 164 27.36 -33.10 -31.22
CA LYS C 164 26.87 -33.14 -29.86
C LYS C 164 27.44 -31.97 -29.13
N SER C 165 26.58 -31.11 -28.59
CA SER C 165 27.03 -29.94 -27.82
C SER C 165 27.78 -30.35 -26.53
N ILE C 166 29.01 -29.88 -26.37
CA ILE C 166 29.69 -30.22 -25.13
C ILE C 166 29.17 -29.29 -24.00
N LYS C 167 28.74 -28.09 -24.36
CA LYS C 167 28.23 -27.19 -23.32
C LYS C 167 26.82 -27.52 -22.86
N THR C 168 26.03 -28.28 -23.65
CA THR C 168 24.59 -28.54 -23.31
C THR C 168 24.05 -29.93 -23.59
N GLY C 169 24.85 -30.80 -24.23
CA GLY C 169 24.43 -32.17 -24.48
C GLY C 169 23.43 -32.37 -25.61
N ARG C 170 22.98 -31.27 -26.20
CA ARG C 170 22.04 -31.38 -27.31
C ARG C 170 22.73 -31.93 -28.55
N GLY C 171 21.99 -32.78 -29.26
CA GLY C 171 22.52 -33.42 -30.44
C GLY C 171 23.23 -34.72 -30.14
N PRO C 172 23.37 -35.57 -31.14
CA PRO C 172 23.18 -35.20 -32.52
C PRO C 172 21.77 -35.48 -32.99
N LEU C 173 21.45 -34.98 -34.18
CA LEU C 173 20.07 -35.06 -34.58
C LEU C 173 19.78 -36.32 -35.41
N GLY C 174 19.14 -37.29 -34.79
CA GLY C 174 18.80 -38.49 -35.52
C GLY C 174 17.51 -38.28 -36.28
N PRO C 175 17.19 -39.26 -37.14
CA PRO C 175 16.03 -39.15 -38.04
C PRO C 175 14.74 -38.92 -37.28
N ASN C 176 14.62 -39.42 -36.06
CA ASN C 176 13.41 -39.20 -35.29
C ASN C 176 13.54 -38.03 -34.25
N TRP C 177 14.53 -37.18 -34.49
CA TRP C 177 14.89 -36.23 -33.48
C TRP C 177 13.69 -35.43 -32.96
N LYS C 178 12.72 -35.08 -33.81
CA LYS C 178 11.55 -34.37 -33.32
C LYS C 178 10.72 -35.22 -32.37
N GLN C 179 10.18 -36.36 -32.85
CA GLN C 179 9.45 -37.31 -31.98
C GLN C 179 10.16 -37.46 -30.62
N GLU C 180 11.48 -37.69 -30.65
CA GLU C 180 12.26 -37.66 -29.42
C GLU C 180 12.01 -36.33 -28.63
N LEU C 181 12.42 -35.19 -29.17
CA LEU C 181 12.05 -33.89 -28.56
C LEU C 181 10.70 -33.84 -27.89
N VAL C 182 9.74 -34.56 -28.43
CA VAL C 182 8.41 -34.46 -27.81
C VAL C 182 8.33 -35.31 -26.46
N ASN C 183 9.07 -36.43 -26.43
CA ASN C 183 9.25 -37.30 -25.25
C ASN C 183 9.99 -36.74 -24.04
N GLN C 184 10.59 -35.54 -24.07
CA GLN C 184 11.39 -35.15 -22.90
C GLN C 184 11.14 -33.75 -22.45
N LYS C 185 11.21 -33.52 -21.14
CA LYS C 185 10.82 -32.18 -20.61
C LYS C 185 11.91 -31.08 -20.75
N ASP C 186 13.16 -31.40 -20.30
CA ASP C 186 14.39 -30.53 -20.43
C ASP C 186 14.92 -30.35 -21.92
N CYS C 187 13.98 -30.09 -22.85
CA CYS C 187 14.34 -29.95 -24.26
C CYS C 187 13.50 -28.88 -24.84
N PRO C 188 14.13 -27.72 -25.11
CA PRO C 188 13.38 -26.59 -25.66
C PRO C 188 13.14 -26.85 -27.15
N TYR C 189 12.43 -25.92 -27.77
CA TYR C 189 12.15 -26.01 -29.16
C TYR C 189 11.26 -24.91 -29.59
N MSE C 190 11.39 -24.54 -30.86
CA MSE C 190 10.79 -23.36 -31.39
C MSE C 190 10.52 -23.68 -32.82
O MSE C 190 10.91 -24.74 -33.29
CB MSE C 190 11.80 -22.22 -31.33
CG MSE C 190 12.74 -22.16 -32.49
SE MSE C 190 14.00 -20.80 -32.07
CE MSE C 190 13.29 -19.27 -33.08
N CYS C 191 9.87 -22.73 -33.51
CA CYS C 191 9.81 -22.76 -34.94
C CYS C 191 9.92 -21.35 -35.50
N ALA C 192 10.71 -21.19 -36.56
CA ALA C 192 10.85 -19.90 -37.24
C ALA C 192 9.94 -19.98 -38.46
N TYR C 193 8.90 -19.16 -38.46
CA TYR C 193 7.95 -19.15 -39.54
C TYR C 193 8.39 -17.99 -40.42
N LYS C 194 9.23 -18.26 -41.42
CA LYS C 194 9.81 -17.26 -42.31
C LYS C 194 9.02 -17.17 -43.62
N LEU C 195 8.23 -16.10 -43.77
CA LEU C 195 7.40 -15.89 -44.95
C LEU C 195 8.15 -15.04 -45.97
N VAL C 196 8.42 -15.66 -47.12
CA VAL C 196 9.26 -15.00 -48.12
C VAL C 196 8.52 -14.57 -49.36
N THR C 197 8.62 -13.30 -49.68
CA THR C 197 7.83 -12.71 -50.76
C THR C 197 8.81 -12.29 -51.83
N VAL C 198 8.63 -12.81 -53.04
CA VAL C 198 9.61 -12.58 -54.07
C VAL C 198 8.90 -11.94 -55.22
N LYS C 199 9.52 -10.88 -55.76
CA LYS C 199 9.00 -10.12 -56.90
C LYS C 199 10.12 -9.75 -57.85
N PHE C 200 9.90 -10.03 -59.12
CA PHE C 200 10.90 -9.73 -60.12
C PHE C 200 10.22 -9.57 -61.49
N LYS C 201 9.72 -8.37 -61.75
CA LYS C 201 8.93 -8.10 -62.95
C LYS C 201 9.88 -7.73 -64.10
N TRP C 202 10.29 -8.71 -64.90
CA TRP C 202 11.20 -8.52 -66.00
C TRP C 202 10.79 -9.45 -67.14
N TRP C 203 10.57 -8.88 -68.33
CA TRP C 203 10.06 -9.66 -69.49
C TRP C 203 10.82 -10.95 -69.70
N GLY C 204 10.12 -12.09 -69.63
CA GLY C 204 10.72 -13.36 -69.93
C GLY C 204 11.60 -13.99 -68.86
N LEU C 205 11.80 -13.32 -67.72
CA LEU C 205 12.64 -13.91 -66.69
C LEU C 205 11.93 -14.04 -65.35
N GLN C 206 10.73 -13.46 -65.24
CA GLN C 206 9.94 -13.57 -64.02
C GLN C 206 9.95 -15.00 -63.40
N ASN C 207 9.20 -15.95 -63.95
CA ASN C 207 9.18 -17.28 -63.33
C ASN C 207 10.57 -17.79 -63.01
N LYS C 208 11.47 -17.65 -63.95
CA LYS C 208 12.78 -18.23 -63.77
C LYS C 208 13.51 -17.66 -62.62
N VAL C 209 13.43 -16.35 -62.43
CA VAL C 209 14.14 -15.68 -61.35
C VAL C 209 13.41 -15.84 -60.03
N GLU C 210 12.10 -15.76 -60.06
CA GLU C 210 11.35 -15.91 -58.84
C GLU C 210 11.58 -17.31 -58.26
N ASN C 211 11.61 -18.29 -59.13
CA ASN C 211 11.87 -19.65 -58.70
C ASN C 211 13.28 -19.89 -58.29
N PHE C 212 14.18 -19.11 -58.87
CA PHE C 212 15.57 -19.24 -58.55
C PHE C 212 15.81 -18.75 -57.18
N ILE C 213 15.29 -17.56 -56.87
CA ILE C 213 15.44 -16.91 -55.57
C ILE C 213 14.82 -17.75 -54.41
N HIS C 214 13.62 -18.27 -54.63
CA HIS C 214 13.03 -19.15 -53.62
C HIS C 214 13.86 -20.39 -53.41
N LYS C 215 14.50 -20.91 -54.43
CA LYS C 215 15.37 -22.03 -54.22
C LYS C 215 16.63 -21.61 -53.55
N GLN C 216 17.09 -20.40 -53.82
CA GLN C 216 18.30 -19.92 -53.16
C GLN C 216 18.08 -19.56 -51.74
N GLU C 217 16.92 -19.01 -51.40
CA GLU C 217 16.64 -18.64 -50.00
C GLU C 217 16.53 -19.90 -49.16
N ARG C 218 15.91 -20.92 -49.71
CA ARG C 218 15.67 -22.14 -48.97
C ARG C 218 16.98 -22.91 -48.70
N ARG C 219 17.99 -22.63 -49.51
CA ARG C 219 19.25 -23.27 -49.41
C ARG C 219 19.89 -22.56 -48.25
N LEU C 220 19.80 -21.25 -48.27
CA LEU C 220 20.33 -20.43 -47.21
C LEU C 220 19.74 -20.75 -45.83
N PHE C 221 18.41 -20.80 -45.76
CA PHE C 221 17.76 -21.11 -44.50
C PHE C 221 18.21 -22.46 -44.02
N THR C 222 18.41 -23.40 -44.94
CA THR C 222 18.89 -24.73 -44.57
C THR C 222 20.36 -24.79 -44.09
N ASN C 223 21.32 -24.25 -44.83
CA ASN C 223 22.67 -24.15 -44.33
C ASN C 223 22.75 -23.37 -43.03
N PHE C 224 22.13 -22.19 -43.01
CA PHE C 224 22.24 -21.29 -41.86
C PHE C 224 21.81 -21.96 -40.56
N HIS C 225 20.67 -22.63 -40.59
CA HIS C 225 20.15 -23.31 -39.44
C HIS C 225 20.93 -24.54 -39.03
N ARG C 226 21.41 -25.30 -40.00
CA ARG C 226 22.38 -26.34 -39.72
C ARG C 226 23.61 -25.75 -39.00
N GLN C 227 24.20 -24.69 -39.59
CA GLN C 227 25.34 -24.03 -38.94
C GLN C 227 24.95 -23.48 -37.60
N LEU C 228 23.85 -22.73 -37.51
CA LEU C 228 23.47 -22.16 -36.21
C LEU C 228 23.52 -23.27 -35.12
N PHE C 229 23.04 -24.45 -35.46
CA PHE C 229 22.94 -25.44 -34.44
C PHE C 229 24.34 -25.94 -34.13
N CYS C 230 25.08 -26.38 -35.13
CA CYS C 230 26.42 -26.92 -34.89
C CYS C 230 27.30 -25.87 -34.20
N TRP C 231 26.77 -24.68 -34.03
CA TRP C 231 27.58 -23.61 -33.52
C TRP C 231 27.16 -23.25 -32.11
N LEU C 232 26.33 -24.10 -31.52
CA LEU C 232 25.72 -23.86 -30.23
C LEU C 232 26.73 -23.44 -29.17
N ASP C 233 27.74 -24.29 -28.98
CA ASP C 233 28.75 -24.09 -27.95
C ASP C 233 29.48 -22.78 -28.13
N LYS C 234 29.37 -22.18 -29.30
CA LYS C 234 30.04 -20.92 -29.55
C LYS C 234 29.24 -19.72 -29.06
N TRP C 235 27.91 -19.80 -29.16
CA TRP C 235 27.03 -18.71 -28.81
C TRP C 235 26.10 -18.93 -27.65
N VAL C 236 26.04 -20.14 -27.14
CA VAL C 236 25.07 -20.43 -26.08
C VAL C 236 25.35 -19.66 -24.77
N ASP C 237 26.57 -19.20 -24.56
CA ASP C 237 26.86 -18.47 -23.35
C ASP C 237 26.81 -16.97 -23.57
N LEU C 238 26.26 -16.50 -24.68
CA LEU C 238 26.61 -15.13 -25.03
C LEU C 238 25.58 -14.12 -24.54
N THR C 239 26.02 -12.90 -24.27
CA THR C 239 25.09 -11.85 -23.82
C THR C 239 24.81 -10.90 -24.99
N MSE C 240 23.70 -10.14 -24.94
CA MSE C 240 23.41 -9.24 -26.06
C MSE C 240 24.55 -8.26 -26.23
O MSE C 240 24.97 -7.96 -27.35
CB MSE C 240 22.09 -8.52 -25.85
CG MSE C 240 21.12 -8.62 -27.08
SE MSE C 240 21.33 -10.25 -28.05
CE MSE C 240 19.46 -10.61 -28.54
N ASP C 241 25.09 -7.81 -25.10
CA ASP C 241 26.26 -6.91 -25.13
C ASP C 241 27.41 -7.63 -25.71
N ASP C 242 27.54 -8.91 -25.40
CA ASP C 242 28.62 -9.69 -26.02
C ASP C 242 28.47 -9.62 -27.56
N ILE C 243 27.23 -9.76 -28.04
CA ILE C 243 26.93 -9.64 -29.46
C ILE C 243 27.27 -8.26 -30.04
N ARG C 244 26.58 -7.19 -29.59
CA ARG C 244 26.76 -5.86 -30.16
C ARG C 244 28.23 -5.52 -30.42
N ARG C 245 29.09 -5.97 -29.53
CA ARG C 245 30.54 -5.82 -29.71
C ARG C 245 31.00 -6.66 -30.91
N MSE C 246 30.51 -7.90 -30.99
CA MSE C 246 30.92 -8.72 -32.07
C MSE C 246 30.45 -7.98 -33.36
O MSE C 246 31.28 -7.71 -34.22
CB MSE C 246 30.36 -10.12 -31.86
CG MSE C 246 29.53 -10.64 -32.97
SE MSE C 246 29.85 -12.51 -33.05
CE MSE C 246 31.49 -12.78 -31.61
N GLU C 247 29.18 -7.57 -33.44
CA GLU C 247 28.71 -6.90 -34.65
C GLU C 247 29.68 -5.80 -35.07
N GLU C 248 30.12 -4.97 -34.12
CA GLU C 248 31.06 -3.88 -34.48
C GLU C 248 32.39 -4.41 -35.08
N GLU C 249 32.96 -5.51 -34.55
CA GLU C 249 34.24 -6.03 -35.11
C GLU C 249 34.00 -6.56 -36.50
N THR C 250 32.89 -7.28 -36.63
CA THR C 250 32.43 -7.83 -37.90
C THR C 250 32.21 -6.79 -39.01
N LYS C 251 31.59 -5.66 -38.68
CA LYS C 251 31.57 -4.53 -39.59
C LYS C 251 32.98 -4.25 -40.22
N ARG C 252 34.03 -4.17 -39.40
CA ARG C 252 35.36 -3.80 -39.93
C ARG C 252 35.96 -5.01 -40.59
N GLN C 253 35.70 -6.17 -40.01
CA GLN C 253 36.28 -7.37 -40.53
C GLN C 253 35.85 -7.67 -41.96
N LEU C 254 34.54 -7.68 -42.17
CA LEU C 254 33.96 -7.79 -43.51
C LEU C 254 34.56 -6.78 -44.48
N ASP C 255 34.71 -5.52 -44.08
CA ASP C 255 35.21 -4.53 -45.01
C ASP C 255 36.64 -4.84 -45.37
N GLU C 256 37.36 -5.47 -44.43
CA GLU C 256 38.69 -5.98 -44.80
C GLU C 256 38.66 -7.30 -45.61
N MSE C 257 37.94 -8.31 -45.15
CA MSE C 257 37.87 -9.56 -45.92
C MSE C 257 37.44 -9.34 -47.37
O MSE C 257 38.04 -9.92 -48.25
CB MSE C 257 37.00 -10.63 -45.29
CG MSE C 257 36.71 -10.41 -43.88
SE MSE C 257 35.89 -12.04 -43.28
CE MSE C 257 35.36 -12.62 -45.02
N ARG C 258 36.41 -8.55 -47.60
CA ARG C 258 35.89 -8.38 -48.94
C ARG C 258 36.99 -7.91 -49.91
N GLN C 259 37.90 -7.06 -49.42
CA GLN C 259 38.98 -6.59 -50.31
C GLN C 259 40.19 -7.54 -50.31
N LYS C 260 40.59 -8.04 -49.14
CA LYS C 260 41.84 -8.79 -49.06
C LYS C 260 41.71 -10.26 -49.46
N ASP C 261 40.51 -10.81 -49.42
CA ASP C 261 40.36 -12.27 -49.37
C ASP C 261 40.10 -12.89 -50.76
N PRO C 262 40.27 -14.21 -50.92
CA PRO C 262 39.78 -14.86 -52.14
C PRO C 262 38.25 -14.92 -52.03
N VAL C 263 37.60 -15.41 -53.07
CA VAL C 263 36.18 -15.73 -53.05
C VAL C 263 35.87 -16.95 -52.13
N LYS C 264 34.96 -16.78 -51.15
CA LYS C 264 34.52 -17.93 -50.33
C LYS C 264 33.03 -18.31 -50.37
N GLY C 265 32.72 -19.48 -49.82
CA GLY C 265 31.36 -19.87 -49.51
C GLY C 265 30.56 -20.44 -50.67
N MSE C 266 29.25 -20.35 -50.54
CA MSE C 266 28.33 -20.86 -51.53
C MSE C 266 28.49 -20.25 -52.91
O MSE C 266 28.48 -19.01 -53.06
CB MSE C 266 26.89 -20.60 -51.08
CG MSE C 266 26.55 -21.27 -49.77
SE MSE C 266 24.62 -21.04 -49.31
CE MSE C 266 24.67 -19.25 -49.35
N THR C 267 28.56 -21.13 -53.91
CA THR C 267 28.50 -20.75 -55.31
C THR C 267 27.20 -21.29 -55.98
N ALA C 268 26.51 -20.53 -56.82
CA ALA C 268 25.04 -20.78 -56.99
C ALA C 268 24.55 -21.74 -58.06
N ASP C 269 23.21 -21.92 -58.09
CA ASP C 269 22.54 -22.98 -58.87
C ASP C 269 21.92 -22.58 -60.22
N MSE D 1 -46.42 -10.23 41.49
CA MSE D 1 -46.97 -9.01 40.81
C MSE D 1 -46.16 -7.74 41.14
O MSE D 1 -45.60 -7.59 42.25
CB MSE D 1 -48.51 -8.82 41.04
CG MSE D 1 -49.03 -7.34 41.21
SE MSE D 1 -50.40 -6.69 40.08
CE MSE D 1 -51.08 -5.07 40.93
N VAL D 2 -46.14 -6.82 40.18
CA VAL D 2 -45.18 -5.73 40.09
C VAL D 2 -45.82 -4.70 39.16
N LEU D 3 -45.59 -3.41 39.36
CA LEU D 3 -46.19 -2.42 38.48
C LEU D 3 -45.16 -1.68 37.61
N LEU D 4 -45.43 -1.64 36.29
CA LEU D 4 -44.47 -1.17 35.30
C LEU D 4 -44.96 0.01 34.47
N LYS D 5 -44.24 1.11 34.50
CA LYS D 5 -44.61 2.22 33.64
C LYS D 5 -43.39 2.75 32.92
N GLU D 6 -43.62 3.20 31.70
CA GLU D 6 -42.58 3.82 30.92
C GLU D 6 -42.79 5.32 30.75
N TYR D 7 -41.89 6.10 31.32
CA TYR D 7 -41.95 7.54 31.20
C TYR D 7 -41.11 8.01 30.05
N ARG D 8 -41.77 8.73 29.14
CA ARG D 8 -41.16 9.24 27.92
C ARG D 8 -40.91 10.75 28.00
N VAL D 9 -39.64 11.10 28.17
CA VAL D 9 -39.25 12.50 28.28
C VAL D 9 -38.63 13.00 26.97
N ILE D 10 -39.38 13.81 26.23
CA ILE D 10 -38.87 14.42 25.01
C ILE D 10 -38.15 15.65 25.45
N LEU D 11 -36.97 15.87 24.88
CA LEU D 11 -36.20 17.04 25.23
C LEU D 11 -35.71 17.71 23.97
N PRO D 12 -35.57 19.01 23.99
CA PRO D 12 -35.05 19.74 22.86
C PRO D 12 -33.54 19.91 23.03
N VAL D 13 -32.88 18.78 23.22
CA VAL D 13 -31.43 18.70 23.32
C VAL D 13 -30.95 17.34 22.77
N SER D 14 -29.65 17.33 22.41
CA SER D 14 -28.95 16.21 21.74
C SER D 14 -28.78 15.02 22.63
N VAL D 15 -28.76 13.82 22.08
CA VAL D 15 -28.40 12.68 22.95
C VAL D 15 -27.02 12.92 23.58
N ASP D 16 -26.25 13.85 23.00
CA ASP D 16 -24.86 14.02 23.45
C ASP D 16 -24.64 15.03 24.50
N GLU D 17 -25.41 16.13 24.39
CA GLU D 17 -25.43 17.14 25.45
C GLU D 17 -26.04 16.48 26.69
N TYR D 18 -27.20 15.83 26.46
CA TYR D 18 -27.94 15.18 27.51
C TYR D 18 -27.01 14.36 28.43
N GLN D 19 -26.04 13.66 27.85
CA GLN D 19 -25.11 12.89 28.69
C GLN D 19 -24.41 13.74 29.80
N VAL D 20 -24.01 14.96 29.44
CA VAL D 20 -23.37 15.86 30.40
C VAL D 20 -24.48 16.49 31.27
N GLY D 21 -25.51 17.00 30.60
CA GLY D 21 -26.61 17.65 31.28
C GLY D 21 -27.05 16.82 32.47
N GLN D 22 -27.39 15.55 32.21
CA GLN D 22 -27.90 14.65 33.23
C GLN D 22 -26.95 14.55 34.41
N LEU D 23 -25.69 14.28 34.11
CA LEU D 23 -24.69 14.03 35.17
C LEU D 23 -24.48 15.26 36.05
N TYR D 24 -24.63 16.44 35.47
CA TYR D 24 -24.52 17.71 36.22
C TYR D 24 -25.74 17.86 37.12
N SER D 25 -26.90 17.62 36.54
CA SER D 25 -28.12 17.87 37.23
C SER D 25 -28.33 16.85 38.34
N VAL D 26 -27.90 15.64 38.12
CA VAL D 26 -27.99 14.74 39.22
C VAL D 26 -27.37 15.36 40.50
N ALA D 27 -26.18 15.95 40.34
CA ALA D 27 -25.47 16.51 41.48
C ALA D 27 -26.16 17.76 41.98
N GLU D 28 -26.53 18.67 41.09
CA GLU D 28 -27.18 19.84 41.64
C GLU D 28 -28.45 19.40 42.40
N ALA D 29 -29.31 18.63 41.72
CA ALA D 29 -30.51 18.08 42.31
C ALA D 29 -30.24 17.46 43.65
N SER D 30 -29.22 16.59 43.69
CA SER D 30 -28.89 15.91 44.95
C SER D 30 -28.67 16.92 46.06
N LYS D 31 -27.97 18.02 45.74
CA LYS D 31 -27.71 19.05 46.75
C LYS D 31 -29.01 19.75 47.13
N ASN D 32 -29.93 19.87 46.18
CA ASN D 32 -31.16 20.57 46.44
C ASN D 32 -32.08 19.78 47.34
N GLU D 33 -31.76 18.51 47.57
CA GLU D 33 -32.59 17.61 48.37
C GLU D 33 -31.96 17.26 49.70
N THR D 34 -30.67 17.52 49.81
CA THR D 34 -29.98 17.07 51.00
C THR D 34 -29.88 18.11 52.12
N GLY D 35 -30.12 17.66 53.34
CA GLY D 35 -30.11 18.52 54.50
C GLY D 35 -31.03 17.92 55.54
N GLY D 36 -30.92 18.44 56.75
CA GLY D 36 -31.71 17.98 57.87
C GLY D 36 -31.53 16.50 58.17
N GLY D 37 -30.40 15.94 57.80
CA GLY D 37 -30.25 14.51 58.00
C GLY D 37 -30.91 13.66 56.90
N GLU D 38 -31.55 14.27 55.91
CA GLU D 38 -32.07 13.49 54.78
C GLU D 38 -31.39 13.85 53.46
N GLY D 39 -31.58 13.00 52.46
CA GLY D 39 -31.14 13.28 51.10
C GLY D 39 -30.20 12.25 50.55
N VAL D 40 -29.21 12.73 49.81
CA VAL D 40 -28.30 11.87 49.10
C VAL D 40 -26.94 11.77 49.81
N GLU D 41 -26.49 10.53 49.99
CA GLU D 41 -25.11 10.25 50.35
C GLU D 41 -24.54 9.33 49.28
N VAL D 42 -23.44 9.76 48.68
CA VAL D 42 -22.78 8.94 47.69
C VAL D 42 -21.69 8.10 48.34
N LEU D 43 -21.68 6.80 48.05
CA LEU D 43 -20.67 5.89 48.58
C LEU D 43 -19.62 5.55 47.51
N VAL D 44 -20.06 5.15 46.32
CA VAL D 44 -19.15 4.70 45.28
C VAL D 44 -19.56 5.43 44.01
N ASN D 45 -18.56 6.03 43.33
CA ASN D 45 -18.67 6.60 41.96
C ASN D 45 -17.42 6.16 41.17
N GLU D 46 -17.43 4.96 40.59
CA GLU D 46 -16.27 4.48 39.78
C GLU D 46 -16.62 3.82 38.44
N PRO D 47 -15.62 3.84 37.55
CA PRO D 47 -15.59 3.00 36.33
C PRO D 47 -15.92 1.51 36.59
N TYR D 48 -16.75 0.92 35.74
CA TYR D 48 -16.96 -0.55 35.77
C TYR D 48 -16.84 -1.15 34.34
N GLU D 49 -16.31 -2.38 34.28
CA GLU D 49 -16.21 -3.16 33.03
C GLU D 49 -16.55 -4.61 33.34
N LYS D 50 -17.67 -5.09 32.83
CA LYS D 50 -17.99 -6.52 33.06
C LYS D 50 -17.71 -7.38 31.77
N ASP D 51 -17.65 -6.71 30.60
CA ASP D 51 -17.27 -7.30 29.29
C ASP D 51 -17.73 -6.40 28.13
N GLY D 52 -18.59 -6.94 27.24
CA GLY D 52 -19.23 -6.15 26.20
C GLY D 52 -19.73 -4.77 26.70
N GLU D 53 -19.48 -4.44 27.96
CA GLU D 53 -19.99 -3.19 28.51
C GLU D 53 -19.00 -2.46 29.41
N LYS D 54 -18.94 -1.16 29.09
CA LYS D 54 -18.04 -0.15 29.57
C LYS D 54 -18.93 1.02 30.05
N GLY D 55 -19.27 1.03 31.35
CA GLY D 55 -19.97 2.17 31.93
C GLY D 55 -19.49 2.54 33.34
N GLN D 56 -20.09 3.61 33.91
CA GLN D 56 -19.76 4.18 35.23
C GLN D 56 -20.73 3.72 36.32
N TYR D 57 -20.22 3.42 37.50
CA TYR D 57 -21.08 2.80 38.49
C TYR D 57 -21.14 3.57 39.81
N THR D 58 -22.36 3.70 40.34
CA THR D 58 -22.58 4.45 41.59
C THR D 58 -23.31 3.60 42.58
N HIS D 59 -23.01 3.87 43.86
CA HIS D 59 -23.73 3.32 44.97
C HIS D 59 -24.05 4.48 45.93
N LYS D 60 -25.34 4.83 46.04
CA LYS D 60 -25.76 5.97 46.83
C LYS D 60 -26.72 5.49 47.91
N ILE D 61 -26.99 6.34 48.91
CA ILE D 61 -28.10 6.09 49.84
C ILE D 61 -28.96 7.32 49.92
N TYR D 62 -30.25 7.07 49.74
CA TYR D 62 -31.28 8.08 49.94
C TYR D 62 -31.80 7.97 51.35
N HIS D 63 -31.71 9.08 52.07
CA HIS D 63 -32.11 9.13 53.47
C HIS D 63 -33.49 9.80 53.62
N LEU D 64 -34.44 9.08 54.21
CA LEU D 64 -35.80 9.56 54.16
C LEU D 64 -36.44 9.62 55.52
N GLN D 65 -37.00 10.75 55.88
CA GLN D 65 -37.67 10.91 57.14
C GLN D 65 -38.94 11.66 56.83
N SER D 66 -38.79 12.98 56.82
CA SER D 66 -39.95 13.82 56.88
C SER D 66 -40.35 14.21 55.48
N LYS D 67 -39.52 13.90 54.51
CA LYS D 67 -39.81 14.28 53.13
C LYS D 67 -40.79 13.29 52.50
N VAL D 68 -41.18 12.27 53.27
CA VAL D 68 -42.12 11.26 52.83
C VAL D 68 -43.36 11.31 53.75
N PRO D 69 -44.53 10.86 53.28
CA PRO D 69 -45.76 10.93 54.07
C PRO D 69 -45.73 10.04 55.30
N THR D 70 -46.58 10.43 56.22
CA THR D 70 -46.77 9.71 57.45
C THR D 70 -46.89 8.20 57.21
N PHE D 71 -47.74 7.77 56.28
CA PHE D 71 -47.94 6.34 56.10
C PHE D 71 -46.71 5.59 55.67
N VAL D 72 -45.74 6.29 55.12
CA VAL D 72 -44.52 5.62 54.65
C VAL D 72 -43.63 5.57 55.85
N ARG D 73 -43.49 6.74 56.46
CA ARG D 73 -42.65 6.91 57.62
C ARG D 73 -42.93 5.82 58.70
N MSE D 74 -44.21 5.57 58.92
CA MSE D 74 -44.77 4.49 59.76
C MSE D 74 -44.31 3.06 59.40
O MSE D 74 -44.51 2.16 60.20
CB MSE D 74 -46.29 4.50 59.60
CG MSE D 74 -47.05 4.51 60.86
SE MSE D 74 -48.25 6.10 61.07
CE MSE D 74 -49.62 5.65 59.58
N LEU D 75 -43.76 2.84 58.21
CA LEU D 75 -43.31 1.52 57.84
C LEU D 75 -42.13 1.07 58.70
N ALA D 76 -41.48 2.04 59.32
CA ALA D 76 -40.36 1.78 60.25
C ALA D 76 -40.65 2.33 61.66
N PRO D 77 -40.27 1.61 62.71
CA PRO D 77 -40.48 2.12 64.05
C PRO D 77 -39.63 3.38 64.31
N GLU D 78 -38.44 3.39 63.72
CA GLU D 78 -37.52 4.50 63.78
C GLU D 78 -38.13 5.76 63.14
N GLY D 79 -39.15 5.57 62.31
CA GLY D 79 -39.79 6.65 61.55
C GLY D 79 -38.92 7.22 60.45
N ALA D 80 -38.00 6.39 59.95
CA ALA D 80 -37.03 6.80 58.96
C ALA D 80 -36.50 5.61 58.09
N LEU D 81 -36.10 5.94 56.87
CA LEU D 81 -35.74 4.93 55.88
C LEU D 81 -34.47 5.32 55.20
N ASN D 82 -33.73 4.28 54.85
CA ASN D 82 -32.61 4.31 53.95
C ASN D 82 -33.00 3.44 52.77
N ILE D 83 -32.98 3.92 51.55
CA ILE D 83 -32.99 2.93 50.49
C ILE D 83 -31.70 3.07 49.75
N HIS D 84 -31.11 1.96 49.34
CA HIS D 84 -29.86 1.94 48.62
C HIS D 84 -30.09 1.98 47.11
N GLU D 85 -29.26 2.74 46.40
CA GLU D 85 -29.37 2.81 44.94
C GLU D 85 -28.06 2.43 44.23
N LYS D 86 -28.10 1.35 43.44
CA LYS D 86 -26.93 0.93 42.72
C LYS D 86 -27.24 1.21 41.29
N ALA D 87 -26.40 1.97 40.61
CA ALA D 87 -26.65 2.29 39.21
C ALA D 87 -25.48 1.95 38.26
N TRP D 88 -25.84 1.41 37.10
CA TRP D 88 -24.90 1.12 36.05
C TRP D 88 -25.14 2.07 34.85
N ASN D 89 -24.37 3.16 34.82
CA ASN D 89 -24.55 4.13 33.74
C ASN D 89 -23.71 3.83 32.49
N ALA D 90 -24.28 3.10 31.53
CA ALA D 90 -23.62 2.82 30.26
C ALA D 90 -24.19 3.74 29.19
N TYR D 91 -24.12 5.05 29.42
CA TYR D 91 -24.81 6.00 28.50
C TYR D 91 -24.59 5.59 27.06
N PRO D 92 -25.59 5.60 26.20
CA PRO D 92 -26.93 6.10 26.50
C PRO D 92 -27.92 5.08 27.08
N TYR D 93 -27.42 4.03 27.70
CA TYR D 93 -28.35 3.12 28.35
C TYR D 93 -27.99 3.15 29.81
N CYS D 94 -29.00 3.16 30.69
CA CYS D 94 -28.70 3.16 32.10
C CYS D 94 -29.63 2.21 32.79
N ARG D 95 -29.12 1.56 33.85
CA ARG D 95 -29.89 0.62 34.69
C ARG D 95 -29.59 0.85 36.18
N THR D 96 -30.65 1.20 36.91
CA THR D 96 -30.60 1.62 38.27
C THR D 96 -31.56 0.76 39.08
N VAL D 97 -31.10 0.35 40.26
CA VAL D 97 -31.78 -0.61 41.13
C VAL D 97 -31.87 -0.10 42.57
N ILE D 98 -33.10 0.15 43.03
CA ILE D 98 -33.30 0.67 44.36
C ILE D 98 -33.92 -0.36 45.27
N THR D 99 -33.39 -0.40 46.49
CA THR D 99 -33.41 -1.59 47.30
C THR D 99 -33.47 -1.20 48.74
N ASN D 100 -34.00 -2.08 49.57
CA ASN D 100 -33.96 -1.81 51.00
C ASN D 100 -33.60 -3.06 51.82
N GLU D 101 -32.65 -2.94 52.75
CA GLU D 101 -32.09 -4.14 53.44
C GLU D 101 -33.17 -4.97 54.19
N TYR D 102 -34.12 -4.27 54.80
CA TYR D 102 -35.17 -4.93 55.57
C TYR D 102 -36.22 -5.70 54.77
N MSE D 103 -36.37 -5.45 53.47
CA MSE D 103 -37.36 -6.22 52.70
C MSE D 103 -36.75 -7.34 51.87
O MSE D 103 -37.47 -8.22 51.37
CB MSE D 103 -38.18 -5.35 51.79
CG MSE D 103 -38.48 -4.07 52.35
SE MSE D 103 -40.37 -3.92 52.63
CE MSE D 103 -40.54 -2.15 51.86
N LYS D 104 -35.41 -7.32 51.74
CA LYS D 104 -34.65 -8.22 50.84
C LYS D 104 -35.19 -8.22 49.38
N GLU D 105 -36.25 -8.98 49.08
CA GLU D 105 -36.72 -9.07 47.67
C GLU D 105 -38.16 -8.58 47.45
N ASP D 106 -38.82 -8.11 48.52
CA ASP D 106 -40.18 -7.60 48.38
C ASP D 106 -40.28 -6.14 47.92
N PHE D 107 -39.16 -5.41 47.94
CA PHE D 107 -39.17 -4.02 47.51
C PHE D 107 -38.19 -3.78 46.37
N LEU D 108 -38.68 -3.23 45.28
CA LEU D 108 -37.77 -2.79 44.25
C LEU D 108 -38.28 -1.57 43.47
N ILE D 109 -37.41 -0.58 43.29
CA ILE D 109 -37.65 0.41 42.27
C ILE D 109 -36.52 0.22 41.33
N LYS D 110 -36.82 -0.08 40.08
CA LYS D 110 -35.81 -0.25 39.05
C LYS D 110 -36.14 0.71 37.92
N ILE D 111 -35.14 1.46 37.48
CA ILE D 111 -35.27 2.41 36.39
C ILE D 111 -34.32 1.99 35.30
N GLU D 112 -34.84 1.68 34.12
CA GLU D 112 -33.96 1.33 32.99
C GLU D 112 -34.28 2.36 31.92
N THR D 113 -33.26 3.13 31.54
CA THR D 113 -33.43 4.16 30.49
C THR D 113 -32.62 3.92 29.25
N TRP D 114 -33.21 4.29 28.13
CA TRP D 114 -32.58 4.25 26.85
C TRP D 114 -32.70 5.69 26.36
N HIS D 115 -31.56 6.31 26.11
CA HIS D 115 -31.59 7.64 25.49
C HIS D 115 -31.51 7.56 23.97
N LYS D 116 -32.55 8.00 23.24
CA LYS D 116 -32.58 7.83 21.76
C LYS D 116 -32.88 9.15 20.99
N PRO D 117 -32.23 9.40 19.84
CA PRO D 117 -32.43 10.69 19.18
C PRO D 117 -33.67 10.68 18.32
N ASP D 118 -34.84 10.48 18.94
CA ASP D 118 -36.12 10.70 18.22
C ASP D 118 -37.15 11.30 19.16
N LEU D 119 -38.42 11.25 18.77
CA LEU D 119 -39.48 11.95 19.48
C LEU D 119 -40.43 10.97 20.20
N GLY D 120 -39.81 9.99 20.89
CA GLY D 120 -40.52 9.00 21.69
C GLY D 120 -41.50 8.15 20.91
N THR D 121 -41.32 7.99 19.60
CA THR D 121 -42.24 7.19 18.81
C THR D 121 -41.94 5.64 18.77
N GLN D 122 -40.92 5.16 19.51
CA GLN D 122 -40.68 3.70 19.49
C GLN D 122 -41.52 3.04 20.55
N GLU D 123 -42.39 2.11 20.14
CA GLU D 123 -43.03 1.22 21.11
C GLU D 123 -41.96 0.19 21.53
N ASN D 124 -41.91 -0.12 22.83
CA ASN D 124 -41.15 -1.26 23.35
C ASN D 124 -39.64 -1.20 23.08
N VAL D 125 -39.01 -0.02 23.20
CA VAL D 125 -37.56 0.02 22.95
C VAL D 125 -36.81 -0.82 23.90
N HIS D 126 -37.46 -1.32 24.93
CA HIS D 126 -36.72 -2.07 25.94
C HIS D 126 -36.78 -3.55 25.63
N LYS D 127 -37.48 -3.86 24.54
CA LYS D 127 -37.62 -5.24 24.01
C LYS D 127 -38.22 -6.19 25.06
N LEU D 128 -39.22 -5.73 25.81
CA LEU D 128 -39.84 -6.62 26.81
C LEU D 128 -40.52 -7.75 26.07
N GLU D 129 -40.75 -8.84 26.79
CA GLU D 129 -41.53 -9.95 26.23
C GLU D 129 -42.97 -9.44 26.07
N PRO D 130 -43.63 -9.83 24.99
CA PRO D 130 -45.00 -9.37 24.66
C PRO D 130 -46.08 -9.39 25.77
N GLU D 131 -46.22 -10.49 26.53
CA GLU D 131 -47.21 -10.54 27.62
C GLU D 131 -47.01 -9.42 28.67
N ALA D 132 -45.76 -9.28 29.14
CA ALA D 132 -45.36 -8.15 30.01
C ALA D 132 -45.62 -6.72 29.40
N TRP D 133 -45.14 -6.50 28.18
CA TRP D 133 -45.35 -5.22 27.53
C TRP D 133 -46.82 -4.79 27.52
N LYS D 134 -47.70 -5.78 27.44
CA LYS D 134 -49.13 -5.54 27.41
C LYS D 134 -49.62 -4.75 28.66
N HIS D 135 -48.89 -4.84 29.78
CA HIS D 135 -49.33 -4.12 31.02
C HIS D 135 -48.49 -2.88 31.34
N VAL D 136 -47.82 -2.30 30.36
CA VAL D 136 -47.01 -1.15 30.70
C VAL D 136 -47.73 0.08 30.27
N GLU D 137 -48.02 0.98 31.21
CA GLU D 137 -48.60 2.23 30.82
C GLU D 137 -47.51 3.14 30.34
N ALA D 138 -47.74 3.71 29.17
CA ALA D 138 -46.81 4.62 28.55
C ALA D 138 -47.17 6.03 28.99
N VAL D 139 -46.27 6.73 29.69
CA VAL D 139 -46.59 8.10 30.12
C VAL D 139 -45.72 9.21 29.50
N TYR D 140 -46.34 10.20 28.85
CA TYR D 140 -45.58 11.34 28.29
C TYR D 140 -45.38 12.50 29.24
N ILE D 141 -44.12 12.80 29.50
CA ILE D 141 -43.76 13.90 30.39
C ILE D 141 -43.43 15.16 29.57
N ASP D 142 -44.25 16.18 29.63
CA ASP D 142 -43.95 17.36 28.83
C ASP D 142 -43.37 18.47 29.73
N ILE D 143 -42.09 18.81 29.50
CA ILE D 143 -41.40 19.79 30.35
C ILE D 143 -41.90 21.23 30.24
N ALA D 144 -42.80 21.52 29.31
CA ALA D 144 -43.32 22.87 29.23
C ALA D 144 -44.71 23.01 29.86
N ASP D 145 -45.45 21.92 29.88
CA ASP D 145 -46.81 21.97 30.36
C ASP D 145 -46.82 22.30 31.84
N ARG D 146 -47.33 23.50 32.15
CA ARG D 146 -47.42 23.99 33.51
C ARG D 146 -48.35 23.11 34.34
N SER D 147 -49.40 22.62 33.70
CA SER D 147 -50.38 21.77 34.38
C SER D 147 -49.78 20.50 34.97
N GLN D 148 -48.59 20.12 34.52
CA GLN D 148 -47.91 18.88 34.98
C GLN D 148 -47.02 19.07 36.21
N VAL D 149 -46.85 20.31 36.62
CA VAL D 149 -46.05 20.60 37.82
C VAL D 149 -46.97 20.69 39.04
N LEU D 150 -46.50 20.11 40.13
CA LEU D 150 -47.21 20.20 41.39
C LEU D 150 -47.09 21.63 41.91
N SER D 151 -48.20 22.18 42.38
CA SER D 151 -48.20 23.57 42.80
C SER D 151 -47.12 23.92 43.78
N LYS D 152 -46.99 23.16 44.86
CA LYS D 152 -45.90 23.46 45.82
C LYS D 152 -44.52 23.46 45.16
N ASP D 153 -44.42 22.94 43.94
CA ASP D 153 -43.14 22.68 43.29
C ASP D 153 -42.79 23.73 42.28
N TYR D 154 -43.78 24.47 41.81
CA TYR D 154 -43.52 25.42 40.72
C TYR D 154 -42.60 26.52 41.15
N LYS D 155 -41.71 26.86 40.22
CA LYS D 155 -40.78 27.97 40.40
C LYS D 155 -40.53 28.63 39.06
N ALA D 156 -40.90 29.91 38.92
CA ALA D 156 -40.73 30.69 37.68
C ALA D 156 -39.35 30.54 37.07
N GLU D 157 -38.30 30.46 37.90
CA GLU D 157 -36.95 30.35 37.37
C GLU D 157 -36.51 28.93 36.97
N GLU D 158 -37.37 27.94 37.17
CA GLU D 158 -37.10 26.56 36.75
C GLU D 158 -38.18 26.18 35.75
N ASP D 159 -38.80 27.21 35.17
CA ASP D 159 -39.87 27.04 34.21
C ASP D 159 -39.32 27.23 32.79
N PRO D 160 -39.27 26.15 32.00
CA PRO D 160 -38.86 26.20 30.60
C PRO D 160 -39.75 27.04 29.69
N ALA D 161 -41.01 27.22 30.06
CA ALA D 161 -41.89 28.05 29.25
C ALA D 161 -41.54 29.54 29.46
N LYS D 162 -40.53 29.79 30.31
CA LYS D 162 -40.11 31.16 30.64
C LYS D 162 -38.61 31.39 30.56
N PHE D 163 -37.87 30.42 30.00
CA PHE D 163 -36.41 30.48 30.07
C PHE D 163 -35.86 30.48 28.68
N LYS D 164 -34.83 31.30 28.50
CA LYS D 164 -34.17 31.47 27.20
C LYS D 164 -32.69 31.34 27.43
N SER D 165 -32.11 30.34 26.79
CA SER D 165 -30.67 30.09 26.91
C SER D 165 -29.87 31.33 26.43
N ILE D 166 -29.09 31.95 27.32
CA ILE D 166 -28.17 32.97 26.80
C ILE D 166 -27.03 32.37 26.00
N LYS D 167 -26.62 31.15 26.31
CA LYS D 167 -25.49 30.64 25.59
C LYS D 167 -25.90 29.94 24.32
N THR D 168 -27.19 29.72 24.07
CA THR D 168 -27.59 28.86 22.91
C THR D 168 -28.88 29.27 22.21
N GLY D 169 -29.65 30.15 22.87
CA GLY D 169 -30.89 30.68 22.27
C GLY D 169 -32.09 29.72 22.34
N ARG D 170 -31.85 28.49 22.78
CA ARG D 170 -32.93 27.58 22.96
C ARG D 170 -33.89 28.13 24.04
N GLY D 171 -35.19 28.01 23.76
CA GLY D 171 -36.24 28.40 24.74
C GLY D 171 -36.73 29.82 24.53
N PRO D 172 -37.92 30.19 25.03
CA PRO D 172 -38.67 29.42 26.04
C PRO D 172 -39.60 28.42 25.38
N LEU D 173 -40.12 27.44 26.11
CA LEU D 173 -40.99 26.43 25.42
C LEU D 173 -42.47 26.75 25.44
N GLY D 174 -42.94 27.05 24.25
CA GLY D 174 -44.31 27.44 24.12
C GLY D 174 -45.11 26.19 23.91
N PRO D 175 -46.42 26.30 24.13
CA PRO D 175 -47.31 25.14 24.05
C PRO D 175 -47.06 24.24 22.82
N ASN D 176 -46.70 24.84 21.69
CA ASN D 176 -46.47 24.06 20.47
C ASN D 176 -44.99 23.69 20.32
N TRP D 177 -44.20 23.88 21.37
CA TRP D 177 -42.76 23.77 21.24
C TRP D 177 -42.29 22.55 20.43
N LYS D 178 -42.92 21.40 20.60
CA LYS D 178 -42.61 20.18 19.81
C LYS D 178 -42.80 20.42 18.31
N GLN D 179 -44.04 20.61 17.85
CA GLN D 179 -44.26 20.87 16.43
C GLN D 179 -43.33 21.98 15.89
N GLU D 180 -42.98 23.02 16.66
CA GLU D 180 -41.92 23.95 16.25
C GLU D 180 -40.61 23.19 15.99
N LEU D 181 -40.12 22.51 17.03
CA LEU D 181 -38.97 21.56 16.91
C LEU D 181 -38.98 20.77 15.65
N VAL D 182 -40.16 20.48 15.13
CA VAL D 182 -40.16 19.69 13.93
C VAL D 182 -39.87 20.56 12.67
N ASN D 183 -40.40 21.80 12.69
CA ASN D 183 -40.12 22.83 11.65
C ASN D 183 -38.61 23.31 11.39
N GLN D 184 -37.63 22.90 12.20
CA GLN D 184 -36.34 23.58 12.23
C GLN D 184 -35.18 22.60 12.09
N LYS D 185 -34.11 22.98 11.36
CA LYS D 185 -32.96 22.02 11.24
C LYS D 185 -31.96 22.14 12.44
N ASP D 186 -31.54 23.38 12.75
CA ASP D 186 -30.64 23.74 13.89
C ASP D 186 -31.22 23.46 15.29
N CYS D 187 -32.04 22.39 15.43
CA CYS D 187 -32.61 22.09 16.76
C CYS D 187 -32.57 20.57 17.08
N PRO D 188 -31.75 20.23 18.08
CA PRO D 188 -31.63 18.83 18.47
C PRO D 188 -32.88 18.46 19.29
N TYR D 189 -32.96 17.15 19.59
CA TYR D 189 -34.08 16.55 20.26
C TYR D 189 -33.82 15.10 20.48
N MSE D 190 -34.37 14.56 21.55
CA MSE D 190 -34.12 13.18 21.91
C MSE D 190 -35.29 12.83 22.75
O MSE D 190 -36.14 13.67 23.04
CB MSE D 190 -32.88 13.10 22.78
CG MSE D 190 -32.91 14.19 23.82
SE MSE D 190 -31.73 13.79 25.26
CE MSE D 190 -31.92 11.74 25.37
N CYS D 191 -35.34 11.60 23.18
CA CYS D 191 -36.28 11.25 24.19
C CYS D 191 -35.67 10.22 25.14
N ALA D 192 -35.97 10.40 26.43
CA ALA D 192 -35.55 9.41 27.42
C ALA D 192 -36.74 8.49 27.61
N TYR D 193 -36.59 7.23 27.21
CA TYR D 193 -37.57 6.22 27.58
C TYR D 193 -37.19 5.53 28.92
N LYS D 194 -37.75 6.04 30.03
CA LYS D 194 -37.42 5.45 31.33
C LYS D 194 -38.49 4.49 31.85
N LEU D 195 -38.16 3.22 31.83
CA LEU D 195 -39.09 2.19 32.23
C LEU D 195 -38.85 1.97 33.70
N VAL D 196 -39.91 2.18 34.48
CA VAL D 196 -39.83 2.14 35.93
C VAL D 196 -40.62 0.95 36.44
N THR D 197 -39.92 0.11 37.17
CA THR D 197 -40.47 -1.11 37.75
C THR D 197 -40.64 -0.94 39.25
N VAL D 198 -41.85 -1.04 39.74
CA VAL D 198 -42.02 -0.92 41.17
C VAL D 198 -42.57 -2.20 41.73
N LYS D 199 -42.02 -2.58 42.88
CA LYS D 199 -42.45 -3.73 43.63
C LYS D 199 -42.45 -3.45 45.14
N PHE D 200 -43.52 -3.85 45.79
CA PHE D 200 -43.65 -3.56 47.17
C PHE D 200 -44.63 -4.56 47.77
N LYS D 201 -44.20 -5.82 47.93
CA LYS D 201 -45.10 -6.82 48.47
C LYS D 201 -45.18 -6.70 50.00
N TRP D 202 -46.24 -6.01 50.47
CA TRP D 202 -46.48 -5.77 51.87
C TRP D 202 -47.98 -5.82 52.13
N TRP D 203 -48.44 -6.69 53.03
CA TRP D 203 -49.86 -6.91 53.23
C TRP D 203 -50.61 -5.59 53.35
N GLY D 204 -51.53 -5.34 52.40
CA GLY D 204 -52.50 -4.26 52.50
C GLY D 204 -51.99 -2.89 52.13
N LEU D 205 -50.74 -2.79 51.75
CA LEU D 205 -50.18 -1.52 51.32
C LEU D 205 -49.64 -1.56 49.89
N GLN D 206 -49.57 -2.73 49.27
CA GLN D 206 -49.00 -2.85 47.95
C GLN D 206 -49.58 -1.85 46.95
N ASN D 207 -50.86 -1.94 46.60
CA ASN D 207 -51.36 -1.04 45.60
C ASN D 207 -51.14 0.39 46.01
N LYS D 208 -51.46 0.75 47.24
CA LYS D 208 -51.16 2.10 47.73
C LYS D 208 -49.69 2.55 47.63
N VAL D 209 -48.70 1.73 48.00
CA VAL D 209 -47.33 2.21 47.82
C VAL D 209 -46.82 2.13 46.38
N GLU D 210 -47.20 1.11 45.64
CA GLU D 210 -46.75 1.01 44.26
C GLU D 210 -47.20 2.27 43.53
N ASN D 211 -48.43 2.67 43.79
CA ASN D 211 -48.95 3.87 43.19
C ASN D 211 -48.35 5.15 43.69
N PHE D 212 -48.01 5.18 44.96
CA PHE D 212 -47.39 6.37 45.51
C PHE D 212 -46.01 6.56 44.92
N ILE D 213 -45.23 5.51 44.81
CA ILE D 213 -43.90 5.57 44.22
C ILE D 213 -43.97 6.04 42.77
N HIS D 214 -44.91 5.48 42.01
CA HIS D 214 -45.03 5.81 40.61
C HIS D 214 -45.39 7.29 40.47
N LYS D 215 -46.23 7.82 41.34
CA LYS D 215 -46.51 9.23 41.28
C LYS D 215 -45.34 10.07 41.76
N GLN D 216 -44.54 9.53 42.65
CA GLN D 216 -43.39 10.28 43.13
C GLN D 216 -42.31 10.31 42.07
N GLU D 217 -42.10 9.18 41.38
CA GLU D 217 -41.10 9.04 40.30
C GLU D 217 -41.39 10.00 39.17
N ARG D 218 -42.66 10.12 38.83
CA ARG D 218 -43.11 10.97 37.76
C ARG D 218 -42.86 12.43 38.07
N ARG D 219 -42.95 12.78 39.34
CA ARG D 219 -42.87 14.17 39.78
C ARG D 219 -41.41 14.53 39.63
N LEU D 220 -40.58 13.61 40.04
CA LEU D 220 -39.18 13.78 39.98
C LEU D 220 -38.67 13.87 38.55
N PHE D 221 -39.15 13.01 37.64
CA PHE D 221 -38.71 13.12 36.24
C PHE D 221 -39.21 14.41 35.68
N THR D 222 -40.34 14.88 36.21
CA THR D 222 -40.87 16.15 35.74
C THR D 222 -40.05 17.33 36.25
N ASN D 223 -39.81 17.42 37.56
CA ASN D 223 -39.04 18.54 38.06
C ASN D 223 -37.62 18.46 37.56
N PHE D 224 -37.03 17.28 37.51
CA PHE D 224 -35.65 17.11 37.12
C PHE D 224 -35.40 17.57 35.72
N HIS D 225 -36.29 17.24 34.78
CA HIS D 225 -36.04 17.71 33.39
C HIS D 225 -36.37 19.17 33.16
N ARG D 226 -37.38 19.67 33.84
CA ARG D 226 -37.55 21.12 33.86
C ARG D 226 -36.26 21.82 34.29
N GLN D 227 -35.70 21.42 35.43
CA GLN D 227 -34.43 22.05 35.79
C GLN D 227 -33.33 21.69 34.81
N LEU D 228 -33.21 20.42 34.43
CA LEU D 228 -32.19 20.05 33.47
C LEU D 228 -32.08 21.12 32.40
N PHE D 229 -33.23 21.46 31.82
CA PHE D 229 -33.35 22.40 30.72
C PHE D 229 -32.94 23.75 31.22
N CYS D 230 -33.65 24.30 32.22
CA CYS D 230 -33.39 25.67 32.72
C CYS D 230 -31.97 25.88 33.22
N TRP D 231 -31.16 24.85 33.10
CA TRP D 231 -29.79 24.93 33.62
C TRP D 231 -28.82 24.70 32.52
N LEU D 232 -29.33 24.68 31.28
CA LEU D 232 -28.48 24.55 30.10
C LEU D 232 -27.16 25.34 30.20
N ASP D 233 -27.27 26.66 30.36
CA ASP D 233 -26.08 27.49 30.31
C ASP D 233 -25.08 27.13 31.37
N LYS D 234 -25.47 26.31 32.35
CA LYS D 234 -24.53 25.96 33.41
C LYS D 234 -23.71 24.80 33.03
N TRP D 235 -24.25 23.91 32.19
CA TRP D 235 -23.55 22.67 31.83
C TRP D 235 -23.36 22.47 30.30
N VAL D 236 -23.93 23.34 29.47
CA VAL D 236 -23.81 23.17 28.02
C VAL D 236 -22.36 23.18 27.51
N ASP D 237 -21.44 23.87 28.22
CA ASP D 237 -20.04 23.87 27.77
C ASP D 237 -19.18 22.93 28.64
N LEU D 238 -19.72 21.80 29.11
CA LEU D 238 -18.90 21.07 30.11
C LEU D 238 -18.26 19.76 29.57
N THR D 239 -17.11 19.41 30.13
CA THR D 239 -16.35 18.23 29.68
C THR D 239 -16.60 17.08 30.65
N MSE D 240 -16.59 15.83 30.18
CA MSE D 240 -16.77 14.73 31.14
C MSE D 240 -15.83 14.91 32.34
O MSE D 240 -16.23 14.71 33.50
CB MSE D 240 -16.52 13.34 30.50
CG MSE D 240 -17.69 12.32 30.71
SE MSE D 240 -19.43 13.18 31.31
CE MSE D 240 -20.28 13.41 29.47
N ASP D 241 -14.58 15.31 32.08
CA ASP D 241 -13.68 15.50 33.22
C ASP D 241 -14.10 16.70 34.03
N ASP D 242 -14.68 17.73 33.38
CA ASP D 242 -15.23 18.85 34.14
C ASP D 242 -16.16 18.21 35.20
N ILE D 243 -16.97 17.22 34.73
CA ILE D 243 -17.99 16.52 35.50
C ILE D 243 -17.39 15.61 36.61
N ARG D 244 -16.52 14.64 36.27
CA ARG D 244 -16.01 13.78 37.34
C ARG D 244 -15.44 14.58 38.54
N ARG D 245 -14.84 15.73 38.27
CA ARG D 245 -14.34 16.62 39.34
C ARG D 245 -15.51 17.20 40.18
N MSE D 246 -16.58 17.64 39.47
CA MSE D 246 -17.81 18.03 40.15
C MSE D 246 -18.36 16.90 41.04
O MSE D 246 -18.62 17.13 42.23
CB MSE D 246 -18.87 18.54 39.17
CG MSE D 246 -20.03 19.29 39.85
SE MSE D 246 -21.33 19.52 38.39
CE MSE D 246 -20.51 21.49 37.76
N GLU D 247 -18.53 15.69 40.48
CA GLU D 247 -18.95 14.55 41.32
C GLU D 247 -18.11 14.46 42.62
N GLU D 248 -16.78 14.43 42.54
CA GLU D 248 -15.99 14.37 43.80
C GLU D 248 -16.33 15.47 44.78
N GLU D 249 -16.38 16.73 44.34
CA GLU D 249 -16.63 17.84 45.27
C GLU D 249 -18.01 17.69 45.93
N THR D 250 -18.96 17.25 45.13
CA THR D 250 -20.31 16.98 45.58
C THR D 250 -20.44 15.77 46.59
N LYS D 251 -19.73 14.65 46.37
CA LYS D 251 -19.69 13.62 47.44
C LYS D 251 -19.37 14.30 48.79
N ARG D 252 -18.33 15.13 48.87
CA ARG D 252 -18.06 15.71 50.18
C ARG D 252 -19.15 16.74 50.58
N GLN D 253 -19.55 17.60 49.61
CA GLN D 253 -20.52 18.68 49.87
C GLN D 253 -21.81 18.11 50.53
N LEU D 254 -22.36 17.07 49.90
CA LEU D 254 -23.49 16.32 50.39
C LEU D 254 -23.24 15.85 51.78
N ASP D 255 -22.09 15.23 52.03
CA ASP D 255 -21.93 14.65 53.35
C ASP D 255 -21.85 15.80 54.40
N GLU D 256 -21.48 17.00 53.98
CA GLU D 256 -21.56 18.14 54.91
C GLU D 256 -22.94 18.81 54.99
N MSE D 257 -23.55 19.10 53.85
CA MSE D 257 -24.95 19.56 53.84
C MSE D 257 -25.88 18.72 54.73
O MSE D 257 -26.52 19.24 55.64
CB MSE D 257 -25.47 19.53 52.43
CG MSE D 257 -25.07 20.74 51.70
SE MSE D 257 -25.58 20.45 49.87
CE MSE D 257 -27.33 19.56 50.23
N ARG D 258 -25.97 17.43 54.46
CA ARG D 258 -26.85 16.57 55.25
C ARG D 258 -26.69 16.72 56.77
N GLN D 259 -25.49 17.05 57.23
CA GLN D 259 -25.34 17.26 58.65
C GLN D 259 -25.61 18.73 59.00
N LYS D 260 -25.01 19.67 58.30
CA LYS D 260 -25.06 21.03 58.81
C LYS D 260 -26.27 21.89 58.34
N ASP D 261 -27.09 21.34 57.47
CA ASP D 261 -28.10 22.14 56.78
C ASP D 261 -29.57 21.97 57.34
N PRO D 262 -30.48 22.91 57.08
CA PRO D 262 -31.91 22.66 57.38
C PRO D 262 -32.48 21.52 56.49
N VAL D 263 -33.65 20.95 56.81
CA VAL D 263 -34.29 20.01 55.87
C VAL D 263 -34.57 20.89 54.68
N LYS D 264 -34.42 20.38 53.46
CA LYS D 264 -34.82 21.17 52.31
C LYS D 264 -35.22 20.38 51.06
N GLY D 265 -35.81 21.13 50.11
CA GLY D 265 -36.19 20.61 48.81
C GLY D 265 -37.56 20.00 48.85
N MSE D 266 -37.66 18.79 48.32
CA MSE D 266 -38.95 18.12 48.11
C MSE D 266 -39.67 17.60 49.33
O MSE D 266 -39.06 17.11 50.28
CB MSE D 266 -38.78 17.01 47.10
CG MSE D 266 -38.62 17.55 45.72
SE MSE D 266 -39.15 16.27 44.38
CE MSE D 266 -37.85 14.66 44.82
N THR D 267 -40.99 17.71 49.27
CA THR D 267 -41.87 17.38 50.38
C THR D 267 -42.91 16.42 49.83
N ALA D 268 -43.50 15.56 50.66
CA ALA D 268 -44.70 14.75 50.22
C ALA D 268 -45.90 14.78 51.20
P PIE E . -3.41 18.05 11.90
O11 PIE E . -4.42 17.89 10.64
O12 PIE E . -2.16 17.31 11.51
O13 PIE E . -4.07 17.47 13.11
O14 PIE E . -3.15 19.63 12.12
C1 PIE E . -5.36 16.89 10.26
C2 PIE E . -6.09 17.65 9.18
C3 PIE E . -5.29 17.15 8.03
O31 PIE E . -4.02 17.71 8.13
O32 PIE E . -2.74 19.40 7.39
C31 PIE E . -3.88 19.07 7.59
C32 PIE E . -4.87 19.99 7.29
C33 PIE E . -4.63 20.79 5.98
C34 PIE E . -5.89 21.52 5.47
C35 PIE E . -6.98 20.49 5.11
C36 PIE E . -8.01 20.86 4.05
C37 PIE E . -9.03 19.73 3.95
C38 PIE E . -10.00 19.86 2.76
C39 PIE E . -11.03 18.74 2.74
O21 PIE E . -7.49 17.38 8.99
O22 PIE E . -7.86 15.11 8.69
C21 PIE E . -7.94 16.23 8.22
C22 PIE E . -8.41 16.45 6.81
C23 PIE E . -9.91 16.25 6.72
C24 PIE E . -10.47 15.84 5.37
C25 PIE E . -11.58 14.85 5.73
C26 PIE E . -11.82 13.83 4.88
C27 PIE E . -12.78 12.72 5.27
C28 PIE E . -13.32 11.79 4.23
C29 PIE E . -14.60 11.50 4.55
C1' PIE E . -4.50 22.84 13.66
C2' PIE E . -5.49 23.18 12.59
C3' PIE E . -6.28 21.92 12.32
C4' PIE E . -5.31 20.86 11.74
C5' PIE E . -4.14 20.56 12.68
C6' PIE E . -3.47 21.88 13.10
O1' PIE E . -3.91 24.10 13.93
O2' PIE E . -6.31 24.26 13.08
O3' PIE E . -7.39 22.31 11.45
O4' PIE E . -4.72 21.31 10.53
O6' PIE E . -2.55 21.64 14.16
P PIE F . 20.54 -14.26 -4.96
O11 PIE F . 19.03 -14.48 -4.51
O12 PIE F . 20.90 -12.82 -4.67
O13 PIE F . 20.75 -14.57 -6.40
O14 PIE F . 21.43 -15.31 -4.18
C1 PIE F . 17.82 -14.00 -5.10
C2 PIE F . 16.85 -14.71 -4.15
C3 PIE F . 16.48 -13.59 -3.20
O31 PIE F . 17.58 -13.23 -2.44
O32 PIE F . 18.67 -13.47 -0.51
C31 PIE F . 17.85 -14.01 -1.26
C32 PIE F . 17.31 -15.22 -0.95
C33 PIE F . 16.99 -15.29 0.55
C34 PIE F . 15.98 -16.34 1.00
C35 PIE F . 14.67 -16.10 0.27
C36 PIE F . 13.39 -16.71 0.86
C37 PIE F . 12.21 -16.42 -0.12
C38 PIE F . 10.82 -16.76 0.42
C39 PIE F . 9.70 -16.52 -0.59
O21 PIE F . 15.67 -15.30 -4.75
O22 PIE F . 14.47 -13.62 -5.78
C21 PIE F . 14.50 -14.46 -4.89
C22 PIE F . 13.37 -14.54 -3.90
C23 PIE F . 12.20 -15.22 -4.54
C24 PIE F . 10.86 -14.74 -4.02
C25 PIE F . 9.92 -14.88 -5.22
C26 PIE F . 8.79 -14.13 -5.24
C27 PIE F . 8.16 -13.69 -6.51
C28 PIE F . 6.71 -13.26 -6.40
C29 PIE F . 5.87 -13.84 -7.29
C1' PIE F . 22.49 -18.91 -3.88
C2' PIE F . 21.19 -19.50 -3.33
C3' PIE F . 19.99 -18.91 -4.06
C4' PIE F . 19.98 -17.37 -3.90
C5' PIE F . 21.33 -16.75 -4.39
C6' PIE F . 22.51 -17.42 -3.65
O1' PIE F . 23.55 -19.45 -3.13
O2' PIE F . 21.22 -20.94 -3.41
O3' PIE F . 18.88 -19.56 -3.41
O4' PIE F . 19.78 -16.97 -2.52
O6' PIE F . 23.75 -16.96 -4.19
P PIE G . 16.42 -12.64 -41.99
O11 PIE G . 17.48 -12.87 -43.17
O12 PIE G . 15.73 -13.97 -41.79
O13 PIE G . 15.34 -11.66 -42.25
O14 PIE G . 17.31 -12.12 -40.80
C1 PIE G . 17.24 -13.00 -44.58
C2 PIE G . 18.68 -13.00 -45.05
C3 PIE G . 18.85 -14.47 -45.23
O31 PIE G . 18.92 -15.09 -43.96
O32 PIE G . 20.26 -15.94 -42.42
C31 PIE G . 20.18 -15.09 -43.25
C32 PIE G . 21.22 -14.25 -43.43
C33 PIE G . 22.54 -14.97 -43.19
C34 PIE G . 23.79 -14.31 -43.81
C35 PIE G . 23.64 -14.27 -45.34
C36 PIE G . 24.87 -14.11 -46.25
C37 PIE G . 24.42 -13.92 -47.72
C38 PIE G . 25.54 -14.01 -48.79
C39 PIE G . 25.04 -13.81 -50.22
O21 PIE G . 18.93 -12.31 -46.27
O22 PIE G . 17.68 -13.28 -47.97
C21 PIE G . 18.79 -13.03 -47.53
C22 PIE G . 20.02 -13.50 -48.25
C23 PIE G . 20.29 -12.66 -49.49
C24 PIE G . 20.96 -13.44 -50.64
C25 PIE G . 20.46 -12.63 -51.82
C26 PIE G . 20.42 -13.28 -52.96
C27 PIE G . 19.55 -13.37 -54.14
C28 PIE G . 20.04 -13.70 -55.50
C29 PIE G . 19.73 -12.76 -56.44
C1' PIE G . 18.99 -9.20 -39.17
C2' PIE G . 20.21 -9.15 -40.07
C3' PIE G . 19.75 -9.30 -41.50
C4' PIE G . 18.99 -10.63 -41.71
C5' PIE G . 17.84 -10.80 -40.72
C6' PIE G . 18.32 -10.57 -39.26
O1' PIE G . 19.48 -8.96 -37.87
O2' PIE G . 20.92 -7.92 -39.88
O3' PIE G . 20.93 -9.21 -42.29
O4' PIE G . 19.89 -11.69 -41.48
O6' PIE G . 17.20 -10.58 -38.37
P PIE H . -31.90 7.44 36.78
O11 PIE H . -32.41 8.06 38.18
O12 PIE H . -32.92 7.99 35.78
O13 PIE H . -31.86 5.94 36.69
O14 PIE H . -30.38 8.03 36.62
C1 PIE H . -33.44 7.52 39.02
C2 PIE H . -33.27 8.42 40.23
C3 PIE H . -34.34 9.44 39.88
O31 PIE H . -33.90 10.13 38.72
O32 PIE H . -32.99 12.09 38.01
C31 PIE H . -33.00 11.29 38.94
C32 PIE H . -32.21 11.49 40.05
C33 PIE H . -32.22 12.94 40.57
C34 PIE H . -31.64 13.20 41.98
C35 PIE H . -32.61 12.58 42.98
C36 PIE H . -32.65 13.10 44.43
C37 PIE H . -33.70 12.23 45.18
C38 PIE H . -33.99 12.73 46.60
C39 PIE H . -34.99 11.87 47.39
O21 PIE H . -33.49 7.81 41.51
O22 PIE H . -35.75 7.03 41.56
C21 PIE H . -34.88 7.78 42.02
C22 PIE H . -35.30 8.73 43.10
C23 PIE H . -35.37 7.99 44.43
C24 PIE H . -36.34 8.68 45.39
C25 PIE H . -36.97 7.51 46.12
C26 PIE H . -38.23 7.66 46.58
C27 PIE H . -38.94 6.46 47.16
C28 PIE H . -40.06 6.69 48.13
C29 PIE H . -40.12 5.72 49.05
C1' PIE H . -26.76 7.76 37.63
C2' PIE H . -26.93 8.42 38.97
C3' PIE H . -28.11 7.73 39.63
C4' PIE H . -29.40 7.99 38.85
C5' PIE H . -29.28 7.54 37.40
C6' PIE H . -28.00 8.12 36.78
O1' PIE H . -25.54 8.37 37.16
O2' PIE H . -25.70 8.22 39.67
O3' PIE H . -28.19 8.30 40.94
O4' PIE H . -29.60 9.42 38.85
O6' PIE H . -27.88 7.63 35.43
#